data_3TTB
#
_entry.id   3TTB
#
_cell.length_a   190.990
_cell.length_b   190.990
_cell.length_c   190.990
_cell.angle_alpha   90.00
_cell.angle_beta   90.00
_cell.angle_gamma   90.00
#
_symmetry.space_group_name_H-M   'P 21 3'
#
loop_
_entity.id
_entity.type
_entity.pdbx_description
1 polymer 'Eight-heme nitrite reductase'
2 non-polymer 'HEME C'
3 non-polymer 'SULFITE ION'
4 non-polymer 'CALCIUM ION'
5 non-polymer 'COBALT (II) ION'
6 non-polymer GLYCEROL
7 non-polymer 'SULFATE ION'
8 water water
#
_entity_poly.entity_id   1
_entity_poly.type   'polypeptide(L)'
_entity_poly.pdbx_seq_one_letter_code
;GSGDQLKPVDALQCYDCHTQIEDMHVVGKHATVNCVHCHDATEHVETASARRMGERPVTHTSPEACASCHTAQFNSFASV
RHESHPREEKANPRSRSPKFDTLIGAHGFSLEHAEPRSHAFMLVDHFIVDRAYGGRFQYKSWQNVTDGLGAVRGAWTVIE
DMDPTTSDQRRFLAQTATAANPVCLNCKTQDHILDWAYMGDEHDAAKWARTSKVVDFARDLHHPVNCYMCHDPHSTEPRV
VRDALIHAVVDQGLGTYPYDEAKSEHVTLTPVTFQRGGEDFRKIGLLNVADSNLMCGQCHVEYNCNPGFQQSDGAPVGMD
DRRTNHFFWANVFDYAEAAKEIDFFDFTHVTTGAPLPKLQHPELETFWGSTHERNGVTCADCHMPRVKLENGKEYTMHSP
RTPRDMMNRACLNCHDGWTEAEAEYAIDYIKNYTHGKIMKAEFWLARMIDLFPVAKRAGVSEDVLNEVRALHYDAHLHWE
WWTAENSVGFHNPDQARESLMKSITKSKEGVGKLDAAIDAAVAAN
;
_entity_poly.pdbx_strand_id   A,B
#
# COMPACT_ATOMS: atom_id res chain seq x y z
N GLN A 5 19.36 12.91 -0.81
CA GLN A 5 17.87 12.94 -1.03
C GLN A 5 17.40 14.35 -1.42
N LEU A 6 16.09 14.52 -1.58
CA LEU A 6 15.52 15.79 -2.05
C LEU A 6 15.58 16.98 -1.08
N LYS A 7 15.95 18.13 -1.61
CA LYS A 7 15.85 19.40 -0.88
C LYS A 7 14.75 20.26 -1.50
N PRO A 8 13.77 20.72 -0.67
CA PRO A 8 12.63 21.45 -1.20
C PRO A 8 13.09 22.75 -1.86
N VAL A 9 12.39 23.18 -2.93
CA VAL A 9 12.71 24.45 -3.57
C VAL A 9 11.76 25.48 -3.05
N ASP A 10 12.12 26.74 -3.30
CA ASP A 10 11.28 27.86 -2.94
C ASP A 10 10.14 27.94 -3.97
N ALA A 11 8.96 27.42 -3.61
CA ALA A 11 7.81 27.40 -4.50
C ALA A 11 7.41 28.82 -4.91
N LEU A 12 7.43 29.74 -3.94
CA LEU A 12 7.05 31.14 -4.19
C LEU A 12 7.80 31.74 -5.36
N GLN A 13 9.10 31.42 -5.43
CA GLN A 13 9.96 31.88 -6.47
C GLN A 13 9.52 31.36 -7.83
N CYS A 14 9.05 30.11 -7.87
CA CYS A 14 8.41 29.56 -9.07
C CYS A 14 7.09 30.27 -9.40
N TYR A 15 6.27 30.44 -8.38
CA TYR A 15 4.95 31.03 -8.54
C TYR A 15 4.99 32.41 -9.18
N ASP A 16 6.08 33.14 -8.98
CA ASP A 16 6.22 34.48 -9.61
C ASP A 16 6.07 34.45 -11.13
N CYS A 17 6.56 33.40 -11.78
CA CYS A 17 6.42 33.27 -13.20
C CYS A 17 5.28 32.31 -13.52
N HIS A 18 5.13 31.28 -12.67
CA HIS A 18 4.16 30.24 -12.92
C HIS A 18 2.83 30.41 -12.20
N THR A 19 2.06 31.37 -12.70
CA THR A 19 0.85 31.83 -12.04
C THR A 19 -0.30 30.79 -12.17
N GLN A 20 -0.47 30.21 -13.36
CA GLN A 20 -1.48 29.12 -13.52
C GLN A 20 -1.16 27.96 -12.55
N ILE A 21 0.10 27.52 -12.50
CA ILE A 21 0.50 26.41 -11.57
C ILE A 21 0.22 26.82 -10.11
N GLU A 22 0.51 28.07 -9.78
CA GLU A 22 0.27 28.52 -8.41
C GLU A 22 -1.19 28.37 -8.10
N ASP A 23 -2.03 28.85 -9.00
CA ASP A 23 -3.46 28.79 -8.77
C ASP A 23 -3.94 27.34 -8.47
N MET A 24 -3.39 26.39 -9.21
CA MET A 24 -3.80 24.98 -9.13
C MET A 24 -3.16 24.31 -7.89
N HIS A 25 -1.90 24.68 -7.63
CA HIS A 25 -1.10 24.04 -6.59
C HIS A 25 -1.52 24.47 -5.20
N VAL A 26 -1.75 25.76 -5.02
CA VAL A 26 -1.90 26.26 -3.65
C VAL A 26 -3.24 25.85 -3.10
N VAL A 27 -4.18 25.49 -3.98
CA VAL A 27 -5.58 25.27 -3.61
C VAL A 27 -5.97 23.79 -3.48
N GLY A 28 -5.18 22.90 -4.05
CA GLY A 28 -5.52 21.49 -3.98
C GLY A 28 -4.74 20.67 -2.94
N LYS A 29 -4.93 19.35 -3.04
CA LYS A 29 -4.38 18.43 -2.08
C LYS A 29 -2.90 18.20 -2.25
N HIS A 30 -2.29 18.87 -3.21
CA HIS A 30 -0.85 18.83 -3.29
C HIS A 30 -0.20 20.14 -2.82
N ALA A 31 -0.94 21.03 -2.15
CA ALA A 31 -0.41 22.32 -1.66
C ALA A 31 0.91 22.19 -0.88
N THR A 32 1.04 21.09 -0.15
CA THR A 32 2.21 20.90 0.69
C THR A 32 3.28 20.10 -0.05
N VAL A 33 2.96 19.66 -1.27
CA VAL A 33 3.94 18.86 -2.03
C VAL A 33 4.92 19.72 -2.86
N ASN A 34 6.22 19.67 -2.54
CA ASN A 34 7.19 20.56 -3.18
C ASN A 34 7.47 20.17 -4.62
N CYS A 35 7.78 21.15 -5.47
CA CYS A 35 8.10 20.95 -6.89
C CYS A 35 9.22 19.95 -7.11
N VAL A 36 10.14 19.86 -6.17
CA VAL A 36 11.31 19.01 -6.37
C VAL A 36 10.95 17.51 -6.50
N HIS A 37 9.79 17.10 -5.99
CA HIS A 37 9.34 15.73 -6.27
C HIS A 37 9.23 15.43 -7.74
N CYS A 38 8.88 16.41 -8.55
CA CYS A 38 8.63 16.15 -9.95
C CYS A 38 9.43 16.98 -10.94
N HIS A 39 10.27 17.89 -10.41
CA HIS A 39 11.00 18.79 -11.29
C HIS A 39 12.35 19.04 -10.68
N ASP A 40 13.37 19.08 -11.51
CA ASP A 40 14.68 19.56 -11.13
C ASP A 40 14.86 20.85 -11.95
N ALA A 41 14.66 21.99 -11.30
CA ALA A 41 14.59 23.25 -12.00
C ALA A 41 15.69 24.27 -11.58
N THR A 42 16.81 23.81 -11.04
CA THR A 42 17.79 24.79 -10.52
C THR A 42 18.37 25.67 -11.64
N GLU A 43 18.90 25.07 -12.69
CA GLU A 43 19.42 25.80 -13.85
C GLU A 43 18.35 26.63 -14.55
N HIS A 44 17.12 26.08 -14.62
CA HIS A 44 15.93 26.79 -15.10
C HIS A 44 15.72 28.05 -14.32
N VAL A 45 15.75 27.96 -12.99
CA VAL A 45 15.45 29.15 -12.19
C VAL A 45 16.51 30.22 -12.39
N GLU A 46 17.75 29.80 -12.57
CA GLU A 46 18.88 30.69 -12.76
C GLU A 46 18.85 31.35 -14.14
N THR A 47 18.17 30.75 -15.10
CA THR A 47 18.29 31.18 -16.48
C THR A 47 16.97 31.69 -17.10
N ALA A 48 15.81 31.33 -16.53
CA ALA A 48 14.52 31.69 -17.14
C ALA A 48 14.19 33.17 -17.09
N SER A 49 13.25 33.60 -17.94
CA SER A 49 12.70 34.93 -17.80
C SER A 49 11.19 34.77 -17.67
N ALA A 50 10.50 35.91 -17.61
CA ALA A 50 9.06 35.91 -17.59
C ALA A 50 8.56 35.22 -18.87
N ARG A 51 9.36 35.24 -19.94
CA ARG A 51 8.89 34.69 -21.21
C ARG A 51 9.74 33.58 -21.82
N ARG A 52 11.04 33.58 -21.58
CA ARG A 52 11.90 32.52 -22.12
C ARG A 52 12.15 31.46 -21.04
N MET A 53 12.16 30.20 -21.47
CA MET A 53 12.31 29.08 -20.56
C MET A 53 13.69 29.03 -19.98
N GLY A 54 14.69 29.46 -20.76
CA GLY A 54 16.09 29.37 -20.38
C GLY A 54 16.41 27.90 -20.41
N GLU A 55 17.25 27.46 -19.48
CA GLU A 55 17.54 26.03 -19.39
C GLU A 55 16.26 25.28 -19.03
N ARG A 56 16.06 24.18 -19.74
CA ARG A 56 14.86 23.39 -19.55
C ARG A 56 14.92 22.65 -18.21
N PRO A 57 13.93 22.86 -17.33
CA PRO A 57 13.93 22.05 -16.10
C PRO A 57 13.63 20.60 -16.44
N VAL A 58 14.09 19.69 -15.59
CA VAL A 58 13.73 18.29 -15.73
C VAL A 58 12.33 18.13 -15.10
N THR A 59 11.47 17.40 -15.80
CA THR A 59 10.23 16.94 -15.21
C THR A 59 10.33 15.39 -15.07
N HIS A 60 10.08 14.89 -13.85
CA HIS A 60 10.13 13.45 -13.61
C HIS A 60 8.78 12.92 -13.97
N THR A 61 8.74 12.10 -15.01
CA THR A 61 7.45 11.63 -15.50
C THR A 61 7.21 10.17 -15.14
N SER A 62 8.18 9.56 -14.46
CA SER A 62 7.97 8.20 -13.99
C SER A 62 6.82 8.11 -13.02
N PRO A 63 5.96 7.09 -13.17
CA PRO A 63 4.98 6.82 -12.13
C PRO A 63 5.63 6.66 -10.79
N GLU A 64 6.90 6.24 -10.77
CA GLU A 64 7.58 6.06 -9.50
C GLU A 64 7.84 7.37 -8.75
N ALA A 65 7.88 8.50 -9.47
CA ALA A 65 7.91 9.82 -8.82
C ALA A 65 6.74 9.98 -7.81
N CYS A 66 5.61 9.31 -8.04
CA CYS A 66 4.49 9.38 -7.14
C CYS A 66 4.57 8.36 -6.02
N ALA A 67 5.47 7.39 -6.18
CA ALA A 67 5.47 6.21 -5.29
C ALA A 67 5.94 6.52 -3.89
N SER A 68 6.75 7.56 -3.73
CA SER A 68 7.25 7.93 -2.40
C SER A 68 6.10 8.27 -1.47
N CYS A 69 5.00 8.79 -2.01
CA CYS A 69 3.89 9.09 -1.13
C CYS A 69 2.63 8.30 -1.43
N HIS A 70 2.62 7.58 -2.55
CA HIS A 70 1.44 6.84 -2.97
C HIS A 70 1.91 5.44 -3.40
N THR A 71 2.59 4.75 -2.50
CA THR A 71 3.08 3.41 -2.79
C THR A 71 1.95 2.47 -3.15
N ALA A 72 0.86 2.52 -2.39
CA ALA A 72 -0.18 1.51 -2.59
C ALA A 72 -0.67 1.62 -4.03
N GLN A 73 -0.87 2.85 -4.50
CA GLN A 73 -1.40 3.05 -5.84
C GLN A 73 -0.38 2.67 -6.87
N PHE A 74 0.88 3.02 -6.63
CA PHE A 74 1.94 2.66 -7.56
C PHE A 74 2.09 1.12 -7.68
N ASN A 75 2.12 0.44 -6.55
CA ASN A 75 2.25 -1.03 -6.57
C ASN A 75 1.09 -1.65 -7.34
N SER A 76 -0.14 -1.20 -7.08
CA SER A 76 -1.27 -1.72 -7.80
C SER A 76 -1.14 -1.41 -9.33
N PHE A 77 -0.83 -0.16 -9.64
CA PHE A 77 -0.51 0.27 -10.99
C PHE A 77 0.45 -0.66 -11.73
N ALA A 78 1.53 -1.08 -11.06
CA ALA A 78 2.59 -1.88 -11.68
C ALA A 78 2.24 -3.36 -11.72
N SER A 79 1.17 -3.77 -11.05
CA SER A 79 0.90 -5.20 -10.92
C SER A 79 0.51 -5.85 -12.25
N VAL A 80 0.68 -7.16 -12.32
CA VAL A 80 0.54 -7.90 -13.54
C VAL A 80 -0.51 -8.96 -13.24
N ARG A 81 -1.51 -8.99 -14.10
CA ARG A 81 -2.45 -10.09 -14.04
C ARG A 81 -1.92 -11.21 -14.93
N HIS A 82 -1.42 -12.27 -14.32
CA HIS A 82 -0.85 -13.40 -15.08
C HIS A 82 -1.89 -14.18 -15.91
N GLU A 83 -3.10 -14.18 -15.42
CA GLU A 83 -4.21 -14.86 -16.09
C GLU A 83 -4.71 -14.11 -17.38
N SER A 84 -4.24 -12.87 -17.61
CA SER A 84 -4.51 -12.24 -18.90
C SER A 84 -3.51 -12.80 -19.91
N HIS A 85 -4.00 -13.67 -20.79
CA HIS A 85 -3.12 -14.42 -21.70
C HIS A 85 -2.24 -13.45 -22.44
N PRO A 86 -0.89 -13.66 -22.35
CA PRO A 86 0.03 -12.69 -22.92
C PRO A 86 0.34 -13.01 -24.41
N ARG A 87 0.48 -11.96 -25.21
CA ARG A 87 0.89 -12.05 -26.63
C ARG A 87 0.04 -13.08 -27.39
N GLU A 88 -1.24 -13.13 -27.04
CA GLU A 88 -2.17 -13.98 -27.70
C GLU A 88 -2.77 -13.31 -28.93
N GLU A 89 -2.49 -13.89 -30.08
CA GLU A 89 -2.94 -13.38 -31.39
C GLU A 89 -4.43 -13.61 -31.56
N LYS A 90 -5.15 -12.58 -32.02
CA LYS A 90 -6.59 -12.64 -32.20
C LYS A 90 -6.99 -13.42 -33.43
N ALA A 91 -6.11 -13.43 -34.44
CA ALA A 91 -6.34 -14.18 -35.70
C ALA A 91 -6.05 -15.66 -35.47
N ASN A 92 -7.00 -16.31 -34.83
CA ASN A 92 -6.65 -17.49 -34.08
C ASN A 92 -7.96 -18.16 -33.64
N PRO A 93 -8.11 -19.47 -33.89
CA PRO A 93 -9.33 -20.13 -33.46
C PRO A 93 -9.50 -20.11 -31.96
N ARG A 94 -8.44 -19.86 -31.18
CA ARG A 94 -8.61 -19.80 -29.73
C ARG A 94 -8.86 -18.38 -29.23
N SER A 95 -9.03 -17.43 -30.15
CA SER A 95 -9.15 -16.03 -29.74
C SER A 95 -10.31 -15.34 -30.47
N ARG A 96 -10.22 -14.03 -30.63
CA ARG A 96 -11.39 -13.24 -30.95
C ARG A 96 -11.85 -13.34 -32.40
N SER A 97 -10.89 -13.49 -33.30
CA SER A 97 -11.17 -13.30 -34.74
C SER A 97 -10.46 -14.31 -35.56
N PRO A 98 -10.95 -15.57 -35.57
CA PRO A 98 -10.33 -16.67 -36.31
C PRO A 98 -10.18 -16.41 -37.81
N LYS A 99 -11.10 -15.64 -38.40
CA LYS A 99 -11.02 -15.34 -39.84
C LYS A 99 -10.39 -13.98 -40.14
N PHE A 100 -9.66 -13.44 -39.16
CA PHE A 100 -9.16 -12.08 -39.25
C PHE A 100 -8.25 -11.88 -40.46
N ASP A 101 -7.44 -12.89 -40.79
CA ASP A 101 -6.51 -12.74 -41.89
C ASP A 101 -7.27 -12.51 -43.23
N THR A 102 -8.39 -13.19 -43.43
CA THR A 102 -9.20 -12.93 -44.63
C THR A 102 -9.82 -11.54 -44.60
N LEU A 103 -10.35 -11.19 -43.43
CA LEU A 103 -11.16 -9.99 -43.28
C LEU A 103 -10.34 -8.72 -43.33
N ILE A 104 -9.20 -8.71 -42.67
CA ILE A 104 -8.37 -7.50 -42.66
C ILE A 104 -7.39 -7.43 -43.84
N GLY A 105 -7.20 -8.53 -44.56
CA GLY A 105 -6.34 -8.53 -45.74
C GLY A 105 -4.92 -8.06 -45.48
N ALA A 106 -4.45 -7.09 -46.29
CA ALA A 106 -3.06 -6.60 -46.17
C ALA A 106 -2.87 -5.54 -45.09
N HIS A 107 -3.91 -5.21 -44.34
CA HIS A 107 -3.75 -4.24 -43.27
C HIS A 107 -2.62 -4.62 -42.30
N GLY A 108 -1.93 -3.60 -41.76
CA GLY A 108 -0.89 -3.74 -40.74
C GLY A 108 -1.23 -4.68 -39.59
N PHE A 109 -2.47 -4.70 -39.18
CA PHE A 109 -2.91 -5.59 -38.08
C PHE A 109 -2.78 -7.08 -38.45
N SER A 110 -2.72 -7.36 -39.77
CA SER A 110 -2.49 -8.73 -40.20
C SER A 110 -1.12 -9.24 -39.80
N LEU A 111 -0.16 -8.35 -39.49
CA LEU A 111 1.17 -8.84 -39.03
C LEU A 111 1.15 -9.30 -37.60
N GLU A 112 0.29 -8.70 -36.79
CA GLU A 112 0.01 -9.18 -35.42
C GLU A 112 -1.04 -8.34 -34.82
N HIS A 113 -2.05 -8.96 -34.24
CA HIS A 113 -3.01 -8.26 -33.39
C HIS A 113 -3.23 -9.08 -32.14
N ALA A 114 -2.47 -8.85 -31.08
CA ALA A 114 -2.64 -9.65 -29.85
C ALA A 114 -3.75 -9.07 -29.01
N GLU A 115 -4.27 -9.89 -28.11
CA GLU A 115 -5.25 -9.46 -27.12
C GLU A 115 -4.53 -8.54 -26.14
N PRO A 116 -5.30 -7.66 -25.46
CA PRO A 116 -4.67 -6.78 -24.46
C PRO A 116 -4.15 -7.57 -23.30
N ARG A 117 -3.12 -7.03 -22.63
CA ARG A 117 -2.73 -7.50 -21.29
C ARG A 117 -2.56 -6.31 -20.34
N SER A 118 -1.95 -6.55 -19.19
CA SER A 118 -1.97 -5.57 -18.13
C SER A 118 -1.36 -4.25 -18.56
N HIS A 119 -1.89 -3.19 -17.98
CA HIS A 119 -1.49 -1.81 -18.28
C HIS A 119 0.01 -1.57 -18.18
N ALA A 120 0.71 -2.23 -17.24
CA ALA A 120 2.13 -2.01 -17.02
C ALA A 120 2.92 -2.17 -18.31
N PHE A 121 2.44 -3.06 -19.20
CA PHE A 121 3.16 -3.39 -20.43
C PHE A 121 2.79 -2.56 -21.64
N MET A 122 1.91 -1.57 -21.49
CA MET A 122 1.31 -0.98 -22.72
C MET A 122 2.33 -0.35 -23.65
N LEU A 123 3.33 0.31 -23.08
CA LEU A 123 4.30 1.01 -23.94
C LEU A 123 5.28 0.02 -24.52
N VAL A 124 5.76 -0.89 -23.68
CA VAL A 124 6.58 -1.96 -24.21
C VAL A 124 5.83 -2.72 -25.33
N ASP A 125 4.59 -3.15 -25.09
CA ASP A 125 3.93 -3.98 -26.12
C ASP A 125 3.74 -3.20 -27.40
N HIS A 126 3.43 -1.91 -27.30
CA HIS A 126 3.39 -1.02 -28.45
C HIS A 126 4.73 -1.07 -29.22
N PHE A 127 5.85 -0.99 -28.50
CA PHE A 127 7.15 -0.94 -29.17
C PHE A 127 7.47 -2.25 -29.86
N ILE A 128 7.03 -3.39 -29.30
CA ILE A 128 7.59 -4.64 -29.76
C ILE A 128 6.59 -5.49 -30.56
N VAL A 129 5.30 -5.12 -30.57
CA VAL A 129 4.35 -5.84 -31.40
C VAL A 129 4.87 -5.94 -32.88
N ASP A 130 4.61 -7.05 -33.57
CA ASP A 130 5.18 -7.20 -34.91
C ASP A 130 4.70 -6.16 -35.93
N ARG A 131 3.54 -5.56 -35.73
CA ARG A 131 3.01 -4.58 -36.71
C ARG A 131 3.60 -3.16 -36.58
N ALA A 132 4.43 -2.90 -35.56
CA ALA A 132 4.66 -1.50 -35.17
C ALA A 132 5.95 -0.88 -35.70
N TYR A 133 7.07 -1.56 -35.44
CA TYR A 133 8.38 -1.02 -35.81
C TYR A 133 9.24 -1.98 -36.59
N GLY A 134 8.63 -2.83 -37.40
CA GLY A 134 9.36 -3.76 -38.21
C GLY A 134 10.21 -4.72 -37.37
N GLY A 135 9.87 -4.90 -36.09
CA GLY A 135 10.64 -5.80 -35.23
C GLY A 135 11.91 -5.14 -34.70
N ARG A 136 12.03 -3.83 -34.88
CA ARG A 136 13.23 -3.09 -34.42
C ARG A 136 13.44 -3.24 -32.93
N PHE A 137 12.35 -3.17 -32.16
CA PHE A 137 12.43 -3.20 -30.70
C PHE A 137 11.98 -4.59 -30.25
N GLN A 138 12.77 -5.17 -29.34
CA GLN A 138 12.54 -6.52 -28.84
C GLN A 138 12.82 -6.51 -27.34
N TYR A 139 12.09 -7.32 -26.59
CA TYR A 139 12.49 -7.62 -25.24
C TYR A 139 13.96 -8.07 -25.25
N LYS A 140 14.74 -7.61 -24.26
CA LYS A 140 16.15 -7.99 -24.17
C LYS A 140 16.25 -9.50 -23.98
N SER A 141 15.24 -10.05 -23.33
CA SER A 141 15.19 -11.48 -23.05
C SER A 141 13.72 -11.92 -22.94
N TRP A 142 13.41 -13.13 -23.40
CA TRP A 142 12.07 -13.66 -23.22
C TRP A 142 11.68 -13.74 -21.72
N GLN A 143 12.66 -13.76 -20.80
CA GLN A 143 12.39 -13.70 -19.34
C GLN A 143 11.69 -12.42 -18.94
N ASN A 144 11.92 -11.36 -19.70
CA ASN A 144 11.46 -10.03 -19.33
C ASN A 144 9.97 -9.84 -19.50
N VAL A 145 9.31 -10.79 -20.16
CA VAL A 145 7.88 -10.65 -20.45
C VAL A 145 7.07 -10.54 -19.19
N THR A 146 7.59 -11.05 -18.08
CA THR A 146 6.81 -11.01 -16.82
C THR A 146 6.95 -9.68 -16.04
N ASP A 147 7.87 -8.83 -16.48
CA ASP A 147 8.37 -7.76 -15.62
C ASP A 147 7.55 -6.49 -15.79
N GLY A 148 6.45 -6.40 -15.03
CA GLY A 148 5.54 -5.28 -15.10
C GLY A 148 6.16 -4.10 -14.38
N LEU A 149 6.79 -4.36 -13.25
CA LEU A 149 7.47 -3.25 -12.53
C LEU A 149 8.61 -2.67 -13.38
N GLY A 150 9.40 -3.56 -13.97
CA GLY A 150 10.46 -3.13 -14.88
C GLY A 150 9.90 -2.24 -15.98
N ALA A 151 8.87 -2.71 -16.67
CA ALA A 151 8.22 -1.89 -17.72
C ALA A 151 7.76 -0.52 -17.22
N VAL A 152 7.22 -0.47 -16.00
CA VAL A 152 6.73 0.77 -15.45
C VAL A 152 7.91 1.71 -15.24
N ARG A 153 9.05 1.15 -14.85
CA ARG A 153 10.25 1.97 -14.58
C ARG A 153 10.90 2.51 -15.86
N GLY A 154 10.73 1.81 -16.97
CA GLY A 154 11.18 2.34 -18.25
C GLY A 154 11.23 1.21 -19.24
N ALA A 155 10.63 1.44 -20.40
CA ALA A 155 10.63 0.45 -21.48
C ALA A 155 12.02 -0.05 -21.83
N TRP A 156 12.97 0.87 -21.92
CA TRP A 156 14.31 0.54 -22.32
C TRP A 156 15.12 -0.21 -21.26
N THR A 157 14.58 -0.39 -20.06
CA THR A 157 15.23 -1.34 -19.16
C THR A 157 14.94 -2.78 -19.53
N VAL A 158 13.81 -3.01 -20.19
CA VAL A 158 13.46 -4.38 -20.55
C VAL A 158 13.51 -4.67 -22.05
N ILE A 159 13.50 -3.61 -22.86
CA ILE A 159 13.60 -3.82 -24.31
C ILE A 159 14.80 -3.14 -24.87
N GLU A 160 15.13 -3.49 -26.11
CA GLU A 160 16.30 -2.94 -26.75
C GLU A 160 16.02 -2.74 -28.25
N ASP A 161 16.92 -1.97 -28.86
CA ASP A 161 16.83 -1.54 -30.21
C ASP A 161 17.84 -2.33 -30.96
N MET A 162 17.36 -3.04 -31.99
CA MET A 162 18.18 -3.85 -32.90
C MET A 162 19.18 -3.04 -33.71
N ASP A 163 18.94 -1.74 -33.86
CA ASP A 163 19.94 -0.92 -34.57
C ASP A 163 19.88 0.52 -34.14
N PRO A 164 20.55 0.83 -33.01
CA PRO A 164 20.57 2.17 -32.46
C PRO A 164 21.17 3.17 -33.43
N THR A 165 21.87 2.70 -34.46
CA THR A 165 22.60 3.62 -35.37
C THR A 165 21.74 4.24 -36.47
N THR A 166 20.53 3.73 -36.69
CA THR A 166 19.64 4.25 -37.72
C THR A 166 18.29 4.57 -37.11
N SER A 167 17.56 5.51 -37.71
CA SER A 167 16.27 6.00 -37.22
C SER A 167 15.09 5.74 -38.17
N ASP A 168 15.37 5.09 -39.29
CA ASP A 168 14.33 4.84 -40.28
C ASP A 168 13.45 3.66 -39.81
N GLN A 169 12.19 3.71 -40.17
CA GLN A 169 11.31 2.57 -39.99
C GLN A 169 11.63 1.55 -41.09
N ARG A 170 12.01 0.34 -40.71
CA ARG A 170 12.15 -0.72 -41.69
C ARG A 170 11.95 -2.07 -41.00
N ARG A 171 11.79 -3.13 -41.80
CA ARG A 171 11.60 -4.46 -41.23
C ARG A 171 12.94 -5.06 -40.84
N PHE A 172 13.03 -5.52 -39.62
CA PHE A 172 14.17 -6.29 -39.16
C PHE A 172 13.82 -7.78 -39.17
N LEU A 173 12.54 -8.11 -39.23
CA LEU A 173 12.07 -9.48 -39.39
C LEU A 173 11.08 -9.49 -40.52
N ALA A 174 10.97 -10.62 -41.22
CA ALA A 174 10.28 -10.59 -42.52
C ALA A 174 8.79 -10.29 -42.39
N GLN A 175 8.13 -10.86 -41.40
CA GLN A 175 6.70 -10.65 -41.24
C GLN A 175 6.36 -9.65 -40.15
N THR A 176 6.76 -8.41 -40.37
CA THR A 176 6.45 -7.36 -39.46
C THR A 176 5.98 -6.19 -40.32
N ALA A 177 5.44 -5.15 -39.68
CA ALA A 177 5.10 -3.95 -40.43
C ALA A 177 5.61 -2.77 -39.60
N THR A 178 5.53 -1.56 -40.17
CA THR A 178 6.05 -0.35 -39.56
C THR A 178 4.87 0.60 -39.46
N ALA A 179 3.79 0.10 -38.87
CA ALA A 179 2.59 0.85 -38.72
C ALA A 179 2.68 1.99 -37.68
N ALA A 180 3.63 1.93 -36.76
CA ALA A 180 3.62 2.93 -35.72
C ALA A 180 3.89 4.33 -36.28
N ASN A 181 3.37 5.34 -35.61
CA ASN A 181 3.68 6.69 -35.95
C ASN A 181 3.49 7.40 -34.61
N PRO A 182 3.84 8.69 -34.55
CA PRO A 182 3.88 9.34 -33.25
C PRO A 182 2.55 9.48 -32.53
N VAL A 183 1.42 9.49 -33.25
CA VAL A 183 0.14 9.65 -32.60
C VAL A 183 -0.21 8.48 -31.64
N CYS A 184 0.27 7.29 -32.00
CA CYS A 184 0.04 6.05 -31.22
C CYS A 184 0.43 6.29 -29.79
N LEU A 185 1.56 6.96 -29.62
CA LEU A 185 2.21 7.01 -28.29
C LEU A 185 1.35 7.71 -27.28
N ASN A 186 0.40 8.47 -27.75
CA ASN A 186 -0.48 9.25 -26.86
C ASN A 186 -1.36 8.37 -26.06
N CYS A 187 -1.50 7.13 -26.51
CA CYS A 187 -2.34 6.18 -25.78
C CYS A 187 -1.51 5.13 -25.09
N LYS A 188 -0.21 5.39 -24.96
CA LYS A 188 0.71 4.45 -24.33
C LYS A 188 1.43 5.11 -23.19
N THR A 189 1.65 6.42 -23.34
CA THR A 189 2.51 7.19 -22.46
C THR A 189 2.13 8.66 -22.57
N GLN A 190 2.42 9.42 -21.53
CA GLN A 190 2.44 10.88 -21.70
C GLN A 190 3.76 11.42 -21.21
N ASP A 191 4.82 10.63 -21.35
CA ASP A 191 6.14 11.18 -21.03
C ASP A 191 6.42 12.46 -21.84
N HIS A 192 5.87 12.49 -23.06
CA HIS A 192 6.07 13.55 -24.05
C HIS A 192 5.09 14.70 -23.88
N ILE A 193 4.38 14.71 -22.78
CA ILE A 193 3.34 15.72 -22.56
C ILE A 193 3.79 17.20 -22.71
N LEU A 194 5.05 17.48 -22.41
CA LEU A 194 5.60 18.82 -22.54
C LEU A 194 6.37 18.99 -23.85
N ASP A 195 6.36 17.96 -24.69
CA ASP A 195 7.13 17.99 -25.91
C ASP A 195 6.28 17.81 -27.13
N TRP A 196 4.98 17.88 -26.93
CA TRP A 196 4.02 17.59 -27.97
C TRP A 196 2.97 18.65 -27.91
N ALA A 197 2.77 19.38 -28.99
CA ALA A 197 1.70 20.36 -28.98
C ALA A 197 0.36 19.68 -29.07
N TYR A 198 -0.68 20.37 -28.61
CA TYR A 198 -2.05 19.90 -28.67
C TYR A 198 -2.34 19.42 -30.11
N MET A 199 -2.73 18.15 -30.22
CA MET A 199 -3.07 17.49 -31.50
C MET A 199 -1.87 16.93 -32.26
N GLY A 200 -0.67 17.21 -31.77
CA GLY A 200 0.55 16.79 -32.45
C GLY A 200 0.90 17.72 -33.59
N ASP A 201 0.33 18.93 -33.58
CA ASP A 201 0.66 19.89 -34.64
C ASP A 201 2.15 20.19 -34.58
N GLU A 202 2.73 20.44 -35.74
CA GLU A 202 4.06 20.98 -35.75
C GLU A 202 4.02 22.31 -35.01
N HIS A 203 5.06 22.53 -34.23
CA HIS A 203 5.05 23.67 -33.34
C HIS A 203 6.48 23.92 -32.96
N ASP A 204 6.81 25.21 -32.85
CA ASP A 204 8.15 25.65 -32.50
C ASP A 204 8.65 25.06 -31.20
N ALA A 205 7.72 24.89 -30.26
CA ALA A 205 8.02 24.44 -28.91
C ALA A 205 8.00 22.90 -28.76
N ALA A 206 7.51 22.20 -29.80
CA ALA A 206 7.37 20.75 -29.74
C ALA A 206 8.54 20.06 -30.43
N LYS A 207 9.26 19.27 -29.66
CA LYS A 207 10.27 18.33 -30.15
C LYS A 207 9.59 17.26 -31.02
N TRP A 208 8.36 16.92 -30.66
CA TRP A 208 7.68 15.78 -31.28
C TRP A 208 6.37 16.23 -31.85
N ALA A 209 5.99 15.66 -33.00
CA ALA A 209 4.72 16.05 -33.60
C ALA A 209 4.20 14.84 -34.41
N ARG A 210 3.00 14.95 -34.98
CA ARG A 210 2.44 13.87 -35.83
C ARG A 210 3.40 13.39 -36.90
N THR A 211 4.17 14.34 -37.45
CA THR A 211 5.08 14.08 -38.56
C THR A 211 6.52 13.65 -38.19
N SER A 212 6.81 13.48 -36.91
CA SER A 212 8.17 13.08 -36.47
C SER A 212 8.54 11.69 -36.89
N LYS A 213 9.85 11.43 -36.87
CA LYS A 213 10.36 10.12 -37.10
C LYS A 213 10.07 9.31 -35.86
N VAL A 214 9.16 8.36 -36.01
CA VAL A 214 8.63 7.68 -34.87
C VAL A 214 9.69 6.91 -34.10
N VAL A 215 10.69 6.38 -34.79
CA VAL A 215 11.74 5.63 -34.12
C VAL A 215 12.53 6.56 -33.19
N ASP A 216 12.77 7.79 -33.61
CA ASP A 216 13.44 8.75 -32.74
C ASP A 216 12.55 9.08 -31.57
N PHE A 217 11.27 9.35 -31.84
CA PHE A 217 10.28 9.60 -30.79
C PHE A 217 10.28 8.45 -29.77
N ALA A 218 10.20 7.22 -30.28
CA ALA A 218 10.11 6.03 -29.43
C ALA A 218 11.21 6.01 -28.41
N ARG A 219 12.42 6.28 -28.84
CA ARG A 219 13.58 6.28 -27.93
C ARG A 219 13.56 7.31 -26.84
N ASP A 220 12.70 8.32 -26.98
CA ASP A 220 12.58 9.39 -26.00
C ASP A 220 11.55 9.05 -24.90
N LEU A 221 11.00 7.83 -24.93
CA LEU A 221 9.79 7.55 -24.16
C LEU A 221 9.99 6.32 -23.33
N HIS A 222 9.41 6.30 -22.13
CA HIS A 222 9.81 5.31 -21.11
C HIS A 222 8.67 4.64 -20.39
N HIS A 223 7.68 5.42 -19.97
CA HIS A 223 6.75 4.85 -18.98
C HIS A 223 5.33 4.69 -19.50
N PRO A 224 4.61 3.68 -18.98
CA PRO A 224 3.23 3.49 -19.44
C PRO A 224 2.25 4.38 -18.69
N VAL A 225 1.13 4.71 -19.34
CA VAL A 225 -0.07 5.30 -18.76
C VAL A 225 0.26 6.12 -17.49
N ASN A 226 1.02 7.22 -17.68
CA ASN A 226 1.58 7.94 -16.56
C ASN A 226 0.53 8.33 -15.56
N CYS A 227 0.87 8.38 -14.28
CA CYS A 227 -0.18 8.70 -13.31
C CYS A 227 -0.91 10.02 -13.64
N TYR A 228 -0.17 10.99 -14.17
CA TYR A 228 -0.78 12.31 -14.34
C TYR A 228 -1.73 12.33 -15.55
N MET A 229 -1.89 11.19 -16.22
CA MET A 229 -2.88 11.13 -17.29
C MET A 229 -4.30 11.34 -16.77
N CYS A 230 -4.54 11.02 -15.49
CA CYS A 230 -5.87 11.09 -14.94
C CYS A 230 -5.95 12.00 -13.75
N HIS A 231 -4.81 12.48 -13.28
CA HIS A 231 -4.79 13.28 -12.06
C HIS A 231 -3.90 14.48 -12.32
N ASP A 232 -4.36 15.70 -12.04
CA ASP A 232 -3.48 16.84 -12.30
C ASP A 232 -2.37 16.78 -11.22
N PRO A 233 -1.09 16.81 -11.62
CA PRO A 233 -0.02 16.63 -10.65
C PRO A 233 0.08 17.83 -9.71
N HIS A 234 -0.44 18.98 -10.16
CA HIS A 234 -0.38 20.21 -9.35
C HIS A 234 -1.55 20.33 -8.38
N SER A 235 -2.77 20.09 -8.83
CA SER A 235 -3.92 20.29 -7.95
C SER A 235 -4.44 18.99 -7.38
N THR A 236 -3.98 17.88 -7.94
CA THR A 236 -4.51 16.50 -7.74
C THR A 236 -5.88 16.23 -8.36
N GLU A 237 -6.47 17.22 -8.99
CA GLU A 237 -7.82 17.05 -9.45
C GLU A 237 -7.90 16.11 -10.66
N PRO A 238 -9.03 15.41 -10.80
CA PRO A 238 -9.20 14.46 -11.89
C PRO A 238 -9.14 15.20 -13.22
N ARG A 239 -8.53 14.61 -14.23
CA ARG A 239 -8.46 15.31 -15.51
C ARG A 239 -8.24 14.34 -16.60
N VAL A 240 -8.33 14.80 -17.85
CA VAL A 240 -7.77 14.09 -18.98
C VAL A 240 -6.69 14.96 -19.59
N VAL A 241 -5.78 14.33 -20.33
CA VAL A 241 -4.73 15.08 -20.99
C VAL A 241 -4.71 14.78 -22.46
N ARG A 242 -5.48 13.78 -22.90
CA ARG A 242 -5.37 13.27 -24.27
C ARG A 242 -5.95 14.30 -25.25
N ASP A 243 -5.14 14.76 -26.20
CA ASP A 243 -5.55 15.92 -27.01
C ASP A 243 -6.82 15.66 -27.82
N ALA A 244 -6.87 14.50 -28.49
CA ALA A 244 -8.01 14.21 -29.39
C ALA A 244 -9.33 14.10 -28.61
N LEU A 245 -9.27 13.72 -27.33
CA LEU A 245 -10.46 13.68 -26.48
C LEU A 245 -11.00 15.08 -26.16
N ILE A 246 -10.10 15.93 -25.71
CA ILE A 246 -10.40 17.31 -25.42
C ILE A 246 -10.91 17.97 -26.73
N HIS A 247 -10.30 17.63 -27.85
CA HIS A 247 -10.77 18.16 -29.17
C HIS A 247 -12.24 17.82 -29.46
N ALA A 248 -12.58 16.53 -29.28
CA ALA A 248 -13.95 16.05 -29.49
C ALA A 248 -14.90 16.69 -28.53
N VAL A 249 -14.59 16.56 -27.24
CA VAL A 249 -15.50 16.95 -26.18
C VAL A 249 -15.67 18.48 -26.08
N VAL A 250 -14.57 19.23 -26.09
CA VAL A 250 -14.61 20.68 -25.83
C VAL A 250 -14.62 21.42 -27.17
N ASP A 251 -13.61 21.20 -28.03
CA ASP A 251 -13.43 22.08 -29.19
C ASP A 251 -14.58 21.92 -30.14
N GLN A 252 -14.97 20.67 -30.35
CA GLN A 252 -16.08 20.38 -31.23
C GLN A 252 -17.39 20.34 -30.51
N GLY A 253 -17.38 20.64 -29.22
CA GLY A 253 -18.63 20.82 -28.46
C GLY A 253 -19.48 19.56 -28.36
N LEU A 254 -18.86 18.40 -28.56
CA LEU A 254 -19.65 17.16 -28.58
C LEU A 254 -20.09 16.70 -27.20
N GLY A 255 -19.41 17.18 -26.16
CA GLY A 255 -19.79 16.88 -24.78
C GLY A 255 -19.12 15.59 -24.29
N THR A 256 -18.94 15.44 -22.98
CA THR A 256 -18.34 14.22 -22.45
C THR A 256 -19.19 12.96 -22.72
N TYR A 257 -20.51 13.14 -22.80
CA TYR A 257 -21.45 12.09 -23.14
C TYR A 257 -22.25 12.54 -24.36
N PRO A 258 -21.69 12.32 -25.58
CA PRO A 258 -22.29 12.99 -26.74
C PRO A 258 -23.70 12.54 -27.03
N TYR A 259 -24.12 11.44 -26.45
CA TYR A 259 -25.49 11.02 -26.59
C TYR A 259 -26.37 11.38 -25.41
N ASP A 260 -25.86 12.20 -24.50
CA ASP A 260 -26.68 12.56 -23.36
C ASP A 260 -26.33 13.99 -22.96
N GLU A 261 -27.18 14.91 -23.38
CA GLU A 261 -26.86 16.31 -23.20
C GLU A 261 -26.93 16.65 -21.72
N ALA A 262 -27.91 16.07 -21.02
CA ALA A 262 -28.02 16.38 -19.58
C ALA A 262 -26.79 15.84 -18.83
N LYS A 263 -26.38 14.61 -19.17
CA LYS A 263 -25.21 14.03 -18.51
C LYS A 263 -23.91 14.80 -18.85
N SER A 264 -23.81 15.26 -20.09
CA SER A 264 -22.67 16.09 -20.52
C SER A 264 -22.60 17.45 -19.78
N GLU A 265 -23.72 17.88 -19.21
CA GLU A 265 -23.76 19.07 -18.36
C GLU A 265 -23.24 18.76 -16.99
N HIS A 266 -23.54 17.56 -16.50
CA HIS A 266 -23.20 17.11 -15.14
C HIS A 266 -21.77 16.62 -15.10
N VAL A 267 -21.23 16.16 -16.22
CA VAL A 267 -19.81 15.78 -16.27
C VAL A 267 -19.06 16.62 -17.30
N THR A 268 -18.07 17.39 -16.85
CA THR A 268 -17.46 18.40 -17.69
C THR A 268 -15.97 18.38 -17.74
N LEU A 269 -15.46 18.83 -18.87
CA LEU A 269 -14.05 19.07 -19.03
C LEU A 269 -13.86 20.57 -19.10
N THR A 270 -12.96 21.09 -18.25
CA THR A 270 -12.59 22.49 -18.30
C THR A 270 -11.21 22.55 -18.89
N PRO A 271 -11.07 23.14 -20.09
CA PRO A 271 -9.76 23.18 -20.70
C PRO A 271 -8.85 24.10 -19.97
N VAL A 272 -7.57 23.73 -19.93
CA VAL A 272 -6.56 24.60 -19.44
C VAL A 272 -5.49 24.51 -20.50
N THR A 273 -5.12 25.67 -21.02
CA THR A 273 -4.09 25.77 -22.05
C THR A 273 -2.84 26.39 -21.47
N PHE A 274 -1.72 25.81 -21.86
CA PHE A 274 -0.41 26.28 -21.49
C PHE A 274 0.23 26.75 -22.75
N GLN A 275 0.92 27.90 -22.64
CA GLN A 275 1.61 28.52 -23.77
C GLN A 275 3.10 28.36 -23.74
N ARG A 276 3.71 28.56 -24.90
CA ARG A 276 5.12 28.61 -25.01
C ARG A 276 5.40 29.84 -25.84
N GLY A 277 6.21 30.77 -25.33
CA GLY A 277 6.51 32.03 -26.07
C GLY A 277 5.22 32.76 -26.41
N GLY A 278 4.25 32.70 -25.51
CA GLY A 278 2.99 33.34 -25.69
C GLY A 278 2.04 32.78 -26.72
N GLU A 279 2.36 31.64 -27.30
CA GLU A 279 1.36 30.96 -28.09
C GLU A 279 0.90 29.64 -27.46
N ASP A 280 -0.38 29.34 -27.64
CA ASP A 280 -0.98 28.07 -27.20
C ASP A 280 -0.17 26.89 -27.61
N PHE A 281 0.11 26.02 -26.66
CA PHE A 281 0.97 24.89 -26.90
C PHE A 281 0.31 23.56 -26.53
N ARG A 282 -0.14 23.43 -25.28
CA ARG A 282 -0.72 22.15 -24.83
C ARG A 282 -1.93 22.43 -24.03
N LYS A 283 -2.77 21.42 -23.87
CA LYS A 283 -4.03 21.51 -23.15
C LYS A 283 -4.25 20.31 -22.25
N ILE A 284 -4.99 20.53 -21.17
CA ILE A 284 -5.55 19.47 -20.34
C ILE A 284 -6.98 19.82 -20.18
N GLY A 285 -7.72 18.83 -19.68
CA GLY A 285 -9.15 18.93 -19.50
C GLY A 285 -9.45 18.54 -18.06
N LEU A 286 -9.69 19.54 -17.20
CA LEU A 286 -9.99 19.27 -15.81
C LEU A 286 -11.40 18.71 -15.68
N LEU A 287 -11.52 17.60 -14.97
CA LEU A 287 -12.84 16.98 -14.82
C LEU A 287 -13.44 17.62 -13.57
N ASN A 288 -14.72 17.94 -13.60
CA ASN A 288 -15.43 18.36 -12.41
C ASN A 288 -15.68 17.26 -11.36
N VAL A 289 -15.79 16.00 -11.81
CA VAL A 289 -15.90 14.82 -10.93
C VAL A 289 -14.95 13.77 -11.49
N ALA A 290 -14.58 12.79 -10.68
CA ALA A 290 -13.63 11.77 -11.14
C ALA A 290 -14.37 10.67 -11.94
N ASP A 291 -14.88 11.07 -13.10
CA ASP A 291 -15.63 10.14 -13.94
C ASP A 291 -14.61 9.30 -14.72
N SER A 292 -14.41 8.05 -14.33
CA SER A 292 -13.40 7.25 -15.02
C SER A 292 -13.83 6.91 -16.44
N ASN A 293 -15.10 7.06 -16.79
CA ASN A 293 -15.41 6.86 -18.23
C ASN A 293 -14.54 7.74 -19.11
N LEU A 294 -14.36 9.00 -18.69
CA LEU A 294 -13.56 9.95 -19.47
C LEU A 294 -12.09 9.73 -19.29
N MET A 295 -11.68 9.37 -18.08
CA MET A 295 -10.26 9.00 -17.89
C MET A 295 -9.86 7.82 -18.76
N CYS A 296 -10.68 6.78 -18.73
CA CYS A 296 -10.35 5.58 -19.49
C CYS A 296 -10.55 5.82 -21.00
N GLY A 297 -11.51 6.68 -21.32
CA GLY A 297 -11.84 7.02 -22.72
C GLY A 297 -10.76 7.87 -23.36
N GLN A 298 -9.71 8.18 -22.63
CA GLN A 298 -8.56 8.78 -23.29
C GLN A 298 -7.94 7.75 -24.23
N CYS A 299 -8.17 6.46 -23.96
CA CYS A 299 -7.49 5.43 -24.78
C CYS A 299 -8.41 4.39 -25.33
N HIS A 300 -9.38 3.97 -24.54
CA HIS A 300 -10.27 2.87 -24.88
C HIS A 300 -11.41 3.33 -25.77
N VAL A 301 -11.00 3.90 -26.91
CA VAL A 301 -11.95 4.45 -27.89
C VAL A 301 -11.48 4.18 -29.27
N GLU A 302 -12.38 4.42 -30.22
CA GLU A 302 -12.07 4.32 -31.62
C GLU A 302 -11.53 5.67 -32.05
N TYR A 303 -10.53 5.60 -32.91
CA TYR A 303 -9.67 6.73 -33.22
C TYR A 303 -9.03 6.52 -34.59
N ASN A 304 -8.49 7.64 -35.11
CA ASN A 304 -7.51 7.63 -36.17
C ASN A 304 -6.23 8.02 -35.49
N CYS A 305 -5.16 7.31 -35.82
CA CYS A 305 -3.81 7.59 -35.32
C CYS A 305 -2.89 6.98 -36.35
N ASN A 306 -3.15 7.32 -37.61
CA ASN A 306 -2.57 6.58 -38.72
C ASN A 306 -2.95 7.32 -39.97
N PRO A 307 -2.16 7.17 -41.06
CA PRO A 307 -2.56 7.76 -42.34
C PRO A 307 -3.80 7.03 -42.85
N GLY A 308 -4.51 7.63 -43.81
CA GLY A 308 -5.63 6.94 -44.42
C GLY A 308 -5.84 7.55 -45.78
N PHE A 309 -7.11 7.67 -46.19
CA PHE A 309 -7.45 8.05 -47.56
C PHE A 309 -8.78 8.79 -47.50
N GLN A 310 -9.03 9.67 -48.47
CA GLN A 310 -10.32 10.34 -48.52
C GLN A 310 -11.38 9.51 -49.24
N GLN A 311 -12.57 9.45 -48.67
CA GLN A 311 -13.68 8.78 -49.32
C GLN A 311 -13.98 9.48 -50.63
N SER A 312 -13.87 10.81 -50.66
CA SER A 312 -14.35 11.58 -51.81
C SER A 312 -13.50 11.28 -53.06
N ASP A 313 -12.20 11.18 -52.90
CA ASP A 313 -11.33 11.15 -54.04
C ASP A 313 -10.18 10.18 -53.88
N GLY A 314 -10.16 9.45 -52.77
CA GLY A 314 -9.15 8.42 -52.60
C GLY A 314 -7.78 8.97 -52.25
N ALA A 315 -7.68 10.30 -52.09
CA ALA A 315 -6.37 10.91 -51.86
C ALA A 315 -5.83 10.49 -50.51
N PRO A 316 -4.50 10.29 -50.40
CA PRO A 316 -3.93 9.94 -49.10
C PRO A 316 -4.11 11.04 -48.09
N VAL A 317 -4.19 10.64 -46.83
CA VAL A 317 -4.31 11.58 -45.72
C VAL A 317 -3.16 11.17 -44.87
N GLY A 318 -2.12 12.01 -44.86
CA GLY A 318 -0.87 11.59 -44.21
C GLY A 318 -0.81 12.24 -42.85
N MET A 319 0.26 11.95 -42.12
CA MET A 319 0.41 12.43 -40.72
C MET A 319 0.30 13.95 -40.52
N ASP A 320 0.54 14.70 -41.59
CA ASP A 320 0.47 16.20 -41.52
C ASP A 320 -0.93 16.69 -41.24
N ASP A 321 -1.90 15.85 -41.55
CA ASP A 321 -3.28 16.23 -41.51
C ASP A 321 -3.80 15.84 -40.14
N ARG A 322 -4.58 16.72 -39.53
CA ARG A 322 -5.11 16.48 -38.19
C ARG A 322 -6.01 15.29 -38.06
N ARG A 323 -6.61 14.85 -39.17
CA ARG A 323 -7.46 13.67 -39.16
C ARG A 323 -6.72 12.40 -38.73
N THR A 324 -5.39 12.40 -38.74
CA THR A 324 -4.62 11.24 -38.31
C THR A 324 -4.45 11.23 -36.81
N ASN A 325 -5.08 12.19 -36.13
CA ASN A 325 -5.19 12.20 -34.66
C ASN A 325 -6.60 12.63 -34.34
N HIS A 326 -7.52 11.67 -34.28
CA HIS A 326 -8.92 11.99 -34.27
C HIS A 326 -9.70 11.00 -33.43
N PHE A 327 -10.60 11.50 -32.58
CA PHE A 327 -11.54 10.58 -31.94
C PHE A 327 -12.85 10.73 -32.63
N PHE A 328 -13.34 9.65 -33.18
CA PHE A 328 -14.65 9.65 -33.82
C PHE A 328 -15.80 9.99 -32.93
N TRP A 329 -15.71 9.55 -31.66
CA TRP A 329 -16.65 9.99 -30.65
C TRP A 329 -18.10 9.67 -31.04
N ALA A 330 -18.30 8.44 -31.51
CA ALA A 330 -19.57 8.04 -32.10
C ALA A 330 -19.77 6.57 -31.86
N ASN A 331 -21.03 6.18 -31.68
CA ASN A 331 -21.35 4.80 -31.53
C ASN A 331 -21.27 4.08 -32.88
N VAL A 332 -21.41 2.76 -32.83
CA VAL A 332 -21.20 1.97 -34.04
C VAL A 332 -22.18 2.40 -35.16
N PHE A 333 -23.37 2.84 -34.78
CA PHE A 333 -24.42 3.19 -35.73
C PHE A 333 -24.21 4.57 -36.29
N ASP A 334 -23.37 5.37 -35.64
CA ASP A 334 -23.10 6.73 -36.13
C ASP A 334 -21.72 6.84 -36.70
N TYR A 335 -20.94 5.78 -36.55
CA TYR A 335 -19.55 5.83 -36.97
C TYR A 335 -19.36 6.13 -38.48
N ALA A 336 -20.13 5.47 -39.33
CA ALA A 336 -19.92 5.63 -40.80
C ALA A 336 -20.08 7.08 -41.15
N GLU A 337 -21.09 7.71 -40.55
CA GLU A 337 -21.37 9.13 -40.80
C GLU A 337 -20.26 10.01 -40.21
N ALA A 338 -19.72 9.61 -39.07
CA ALA A 338 -18.64 10.39 -38.45
C ALA A 338 -17.38 10.28 -39.30
N ALA A 339 -17.12 9.13 -39.89
CA ALA A 339 -15.99 9.01 -40.78
C ALA A 339 -16.19 9.79 -42.08
N LYS A 340 -17.43 9.84 -42.55
CA LYS A 340 -17.78 10.71 -43.68
C LYS A 340 -17.63 12.19 -43.33
N GLU A 341 -17.91 12.59 -42.09
CA GLU A 341 -17.79 13.99 -41.74
C GLU A 341 -16.31 14.40 -41.89
N ILE A 342 -15.37 13.47 -41.68
CA ILE A 342 -13.98 13.80 -41.92
C ILE A 342 -13.49 13.24 -43.25
N ASP A 343 -14.41 12.78 -44.10
CA ASP A 343 -14.03 12.30 -45.45
C ASP A 343 -12.89 11.31 -45.42
N PHE A 344 -13.07 10.25 -44.62
CA PHE A 344 -11.94 9.39 -44.30
C PHE A 344 -12.28 7.90 -44.32
N PHE A 345 -11.32 7.11 -44.80
CA PHE A 345 -11.30 5.67 -44.58
C PHE A 345 -9.86 5.26 -44.44
N ASP A 346 -9.66 4.06 -43.89
CA ASP A 346 -8.38 3.62 -43.39
C ASP A 346 -7.59 2.90 -44.42
N PHE A 347 -8.25 2.01 -45.15
CA PHE A 347 -7.59 1.13 -46.08
C PHE A 347 -8.57 0.61 -47.10
N THR A 348 -8.00 0.23 -48.23
CA THR A 348 -8.69 -0.51 -49.26
C THR A 348 -8.37 -2.00 -49.07
N HIS A 349 -9.43 -2.79 -48.95
CA HIS A 349 -9.24 -4.20 -48.83
C HIS A 349 -8.55 -4.78 -50.03
N VAL A 350 -7.53 -5.56 -49.76
CA VAL A 350 -6.64 -5.98 -50.80
C VAL A 350 -7.36 -6.90 -51.79
N THR A 351 -8.41 -7.59 -51.35
CA THR A 351 -9.09 -8.54 -52.18
C THR A 351 -10.31 -7.90 -52.82
N THR A 352 -11.15 -7.28 -52.02
CA THR A 352 -12.37 -6.74 -52.56
C THR A 352 -12.22 -5.39 -53.23
N GLY A 353 -11.15 -4.64 -52.92
CA GLY A 353 -11.02 -3.26 -53.43
C GLY A 353 -11.94 -2.27 -52.73
N ALA A 354 -12.57 -2.70 -51.62
CA ALA A 354 -13.48 -1.82 -50.91
C ALA A 354 -12.72 -0.93 -49.98
N PRO A 355 -12.98 0.38 -50.04
CA PRO A 355 -12.57 1.31 -48.97
C PRO A 355 -13.19 0.84 -47.63
N LEU A 356 -12.37 0.76 -46.58
CA LEU A 356 -12.86 0.21 -45.32
C LEU A 356 -12.37 1.05 -44.19
N PRO A 357 -13.19 1.09 -43.11
CA PRO A 357 -12.69 1.66 -41.84
C PRO A 357 -11.86 0.60 -41.08
N LYS A 358 -10.92 1.02 -40.26
CA LYS A 358 -10.22 0.12 -39.38
C LYS A 358 -10.64 0.49 -37.94
N LEU A 359 -11.25 -0.48 -37.25
CA LEU A 359 -11.86 -0.26 -35.94
C LEU A 359 -10.92 -0.78 -34.85
N GLN A 360 -10.82 -0.04 -33.75
CA GLN A 360 -9.89 -0.34 -32.65
C GLN A 360 -10.69 -0.14 -31.40
N HIS A 361 -10.74 -1.10 -30.52
CA HIS A 361 -11.26 -0.96 -29.17
C HIS A 361 -12.25 0.21 -28.82
N PRO A 362 -13.50 0.18 -29.32
CA PRO A 362 -14.42 1.28 -29.05
C PRO A 362 -15.15 1.01 -27.75
N GLU A 363 -14.43 0.77 -26.67
CA GLU A 363 -15.10 0.37 -25.41
C GLU A 363 -16.02 1.45 -24.87
N LEU A 364 -15.52 2.68 -24.79
CA LEU A 364 -16.38 3.73 -24.32
C LEU A 364 -17.61 3.92 -25.20
N GLU A 365 -17.46 3.89 -26.52
CA GLU A 365 -18.60 4.27 -27.37
C GLU A 365 -19.60 3.16 -27.46
N THR A 366 -19.12 1.97 -27.11
CA THR A 366 -20.01 0.81 -26.92
C THR A 366 -20.75 0.92 -25.58
N PHE A 367 -19.99 1.24 -24.54
CA PHE A 367 -20.54 1.47 -23.22
C PHE A 367 -21.68 2.51 -23.18
N TRP A 368 -21.55 3.60 -23.95
CA TRP A 368 -22.64 4.60 -24.01
C TRP A 368 -23.96 3.94 -24.28
N GLY A 369 -24.95 4.31 -23.47
CA GLY A 369 -26.33 3.89 -23.68
C GLY A 369 -26.62 2.51 -23.14
N SER A 370 -25.58 1.79 -22.67
CA SER A 370 -25.81 0.51 -22.00
C SER A 370 -26.55 0.72 -20.68
N THR A 371 -27.21 -0.34 -20.21
CA THR A 371 -27.89 -0.29 -18.92
C THR A 371 -26.96 0.25 -17.83
N HIS A 372 -25.75 -0.26 -17.79
CA HIS A 372 -24.85 0.18 -16.73
C HIS A 372 -24.47 1.66 -16.89
N GLU A 373 -24.16 2.07 -18.13
CA GLU A 373 -23.77 3.48 -18.35
C GLU A 373 -24.93 4.42 -17.98
N ARG A 374 -26.14 3.97 -18.29
CA ARG A 374 -27.37 4.75 -18.07
C ARG A 374 -27.63 4.90 -16.58
N ASN A 375 -27.12 3.97 -15.80
CA ASN A 375 -27.34 4.00 -14.37
C ASN A 375 -26.16 4.61 -13.66
N GLY A 376 -25.31 5.29 -14.44
CA GLY A 376 -24.17 6.03 -13.90
C GLY A 376 -22.97 5.19 -13.49
N VAL A 377 -22.88 3.97 -14.04
CA VAL A 377 -21.73 3.12 -13.75
C VAL A 377 -20.56 3.61 -14.63
N THR A 378 -19.35 3.47 -14.14
CA THR A 378 -18.18 3.86 -14.91
C THR A 378 -17.22 2.67 -15.05
N CYS A 379 -16.28 2.78 -15.97
CA CYS A 379 -15.35 1.68 -16.20
C CYS A 379 -14.72 1.16 -14.91
N ALA A 380 -14.28 2.09 -14.05
CA ALA A 380 -13.50 1.73 -12.86
C ALA A 380 -14.35 1.00 -11.86
N ASP A 381 -15.64 1.19 -11.92
CA ASP A 381 -16.54 0.49 -11.01
C ASP A 381 -16.40 -1.01 -11.23
N CYS A 382 -16.19 -1.44 -12.48
CA CYS A 382 -16.07 -2.88 -12.70
C CYS A 382 -14.65 -3.32 -12.89
N HIS A 383 -13.77 -2.40 -13.28
CA HIS A 383 -12.42 -2.80 -13.65
C HIS A 383 -11.33 -2.32 -12.70
N MET A 384 -11.68 -1.35 -11.86
CA MET A 384 -10.69 -0.71 -11.00
C MET A 384 -11.38 -0.18 -9.74
N PRO A 385 -12.04 -1.08 -8.98
CA PRO A 385 -12.68 -0.68 -7.75
C PRO A 385 -11.67 -0.39 -6.62
N ARG A 386 -12.19 0.06 -5.47
CA ARG A 386 -11.37 0.16 -4.27
C ARG A 386 -11.07 -1.24 -3.72
N VAL A 387 -9.90 -1.40 -3.10
CA VAL A 387 -9.57 -2.63 -2.40
C VAL A 387 -10.54 -2.73 -1.21
N LYS A 388 -10.70 -3.90 -0.63
CA LYS A 388 -11.52 -4.02 0.56
C LYS A 388 -10.58 -4.42 1.66
N LEU A 389 -10.58 -3.67 2.76
CA LEU A 389 -9.68 -4.01 3.86
C LEU A 389 -10.50 -4.03 5.13
N GLU A 390 -10.30 -5.08 5.90
CA GLU A 390 -10.91 -5.16 7.22
C GLU A 390 -10.41 -4.05 8.11
N ASN A 391 -9.13 -3.70 7.95
CA ASN A 391 -8.54 -2.66 8.79
C ASN A 391 -7.50 -1.80 8.10
N GLY A 392 -7.91 -1.03 7.11
CA GLY A 392 -6.96 -0.19 6.41
C GLY A 392 -7.73 0.84 5.63
N LYS A 393 -7.03 1.89 5.20
CA LYS A 393 -7.58 2.88 4.27
C LYS A 393 -7.68 2.23 2.90
N GLU A 394 -8.91 2.18 2.40
CA GLU A 394 -9.17 1.43 1.21
C GLU A 394 -8.98 2.29 -0.05
N TYR A 395 -7.80 2.18 -0.62
CA TYR A 395 -7.40 2.94 -1.77
C TYR A 395 -7.94 2.25 -3.02
N THR A 396 -7.78 2.94 -4.15
CA THR A 396 -8.33 2.48 -5.41
C THR A 396 -7.28 1.63 -6.06
N MET A 397 -7.69 0.47 -6.57
CA MET A 397 -6.70 -0.26 -7.33
C MET A 397 -6.39 0.48 -8.64
N HIS A 398 -5.25 0.18 -9.25
CA HIS A 398 -4.73 1.08 -10.26
C HIS A 398 -4.19 0.31 -11.45
N SER A 399 -4.47 -0.99 -11.50
CA SER A 399 -4.22 -1.75 -12.71
C SER A 399 -5.56 -2.34 -13.17
N PRO A 400 -6.22 -1.71 -14.14
CA PRO A 400 -7.55 -2.26 -14.43
C PRO A 400 -7.55 -3.67 -15.06
N ARG A 401 -8.60 -4.45 -14.72
CA ARG A 401 -8.66 -5.83 -15.14
C ARG A 401 -10.08 -6.32 -15.03
N THR A 402 -10.29 -7.56 -15.47
CA THR A 402 -11.61 -8.11 -15.50
C THR A 402 -12.23 -8.11 -14.09
N PRO A 403 -13.52 -7.76 -14.02
CA PRO A 403 -14.23 -7.85 -12.77
C PRO A 403 -14.25 -9.31 -12.22
N ARG A 404 -13.89 -10.31 -13.06
CA ARG A 404 -13.92 -11.73 -12.62
C ARG A 404 -13.03 -12.00 -11.47
N ASP A 405 -12.04 -11.15 -11.33
CA ASP A 405 -11.08 -11.29 -10.30
C ASP A 405 -11.53 -10.71 -9.00
N MET A 406 -12.61 -9.93 -9.02
CA MET A 406 -12.97 -9.12 -7.86
C MET A 406 -14.46 -8.90 -7.89
N MET A 407 -15.18 -9.99 -8.08
CA MET A 407 -16.63 -9.95 -8.30
C MET A 407 -17.43 -9.32 -7.17
N ASN A 408 -16.98 -9.49 -5.94
CA ASN A 408 -17.74 -8.92 -4.84
C ASN A 408 -17.76 -7.39 -5.00
N ARG A 409 -16.60 -6.82 -5.27
CA ARG A 409 -16.48 -5.37 -5.45
C ARG A 409 -17.14 -4.90 -6.78
N ALA A 410 -16.81 -5.59 -7.88
CA ALA A 410 -17.27 -5.18 -9.21
C ALA A 410 -18.75 -5.40 -9.51
N CYS A 411 -19.30 -6.54 -9.07
CA CYS A 411 -20.67 -6.84 -9.42
C CYS A 411 -21.56 -6.97 -8.21
N LEU A 412 -21.08 -7.72 -7.23
CA LEU A 412 -21.96 -8.25 -6.20
C LEU A 412 -22.36 -7.19 -5.20
N ASN A 413 -21.56 -6.13 -5.06
CA ASN A 413 -21.96 -4.94 -4.28
C ASN A 413 -23.27 -4.29 -4.80
N CYS A 414 -23.44 -4.15 -6.12
CA CYS A 414 -24.71 -3.68 -6.65
C CYS A 414 -25.71 -4.82 -6.88
N HIS A 415 -25.24 -6.05 -7.12
CA HIS A 415 -26.18 -7.13 -7.44
C HIS A 415 -26.20 -8.14 -6.27
N ASP A 416 -26.73 -7.75 -5.11
CA ASP A 416 -26.56 -8.58 -3.90
C ASP A 416 -27.41 -9.85 -3.86
N GLY A 417 -28.37 -9.97 -4.77
CA GLY A 417 -29.14 -11.21 -4.88
C GLY A 417 -28.40 -12.34 -5.64
N TRP A 418 -27.19 -12.05 -6.09
CA TRP A 418 -26.47 -12.97 -6.96
C TRP A 418 -25.27 -13.55 -6.27
N THR A 419 -24.92 -14.79 -6.60
CA THR A 419 -23.66 -15.34 -6.14
C THR A 419 -22.66 -14.96 -7.19
N GLU A 420 -21.39 -15.13 -6.85
CA GLU A 420 -20.28 -14.98 -7.79
C GLU A 420 -20.46 -15.84 -9.02
N ALA A 421 -20.83 -17.11 -8.82
CA ALA A 421 -21.04 -18.01 -9.97
C ALA A 421 -22.14 -17.47 -10.87
N GLU A 422 -23.21 -16.95 -10.27
CA GLU A 422 -24.29 -16.39 -11.07
C GLU A 422 -23.88 -15.17 -11.86
N ALA A 423 -23.17 -14.26 -11.21
CA ALA A 423 -22.73 -13.07 -11.93
C ALA A 423 -21.76 -13.44 -13.05
N GLU A 424 -20.87 -14.40 -12.87
CA GLU A 424 -20.01 -14.81 -13.97
C GLU A 424 -20.79 -15.45 -15.12
N TYR A 425 -21.77 -16.27 -14.71
CA TYR A 425 -22.61 -16.97 -15.69
C TYR A 425 -23.30 -15.95 -16.54
N ALA A 426 -23.83 -14.87 -15.92
CA ALA A 426 -24.49 -13.82 -16.73
C ALA A 426 -23.48 -13.19 -17.72
N ILE A 427 -22.26 -12.94 -17.25
CA ILE A 427 -21.19 -12.49 -18.14
C ILE A 427 -21.02 -13.43 -19.32
N ASP A 428 -20.80 -14.70 -18.99
CA ASP A 428 -20.48 -15.66 -20.00
C ASP A 428 -21.63 -15.85 -20.98
N TYR A 429 -22.87 -15.76 -20.47
CA TYR A 429 -24.01 -15.89 -21.35
C TYR A 429 -23.91 -14.86 -22.49
N ILE A 430 -23.60 -13.62 -22.13
CA ILE A 430 -23.57 -12.53 -23.10
C ILE A 430 -22.36 -12.69 -24.01
N LYS A 431 -21.18 -12.97 -23.43
CA LYS A 431 -19.99 -13.11 -24.25
C LYS A 431 -20.16 -14.29 -25.22
N ASN A 432 -20.69 -15.40 -24.72
CA ASN A 432 -20.91 -16.58 -25.60
C ASN A 432 -21.85 -16.21 -26.72
N TYR A 433 -22.98 -15.63 -26.37
CA TYR A 433 -23.96 -15.24 -27.38
C TYR A 433 -23.28 -14.34 -28.43
N THR A 434 -22.60 -13.28 -27.95
CA THR A 434 -21.95 -12.33 -28.84
C THR A 434 -20.85 -12.99 -29.68
N HIS A 435 -20.00 -13.79 -29.02
CA HIS A 435 -18.96 -14.48 -29.73
C HIS A 435 -19.57 -15.26 -30.95
N GLY A 436 -20.65 -15.99 -30.69
CA GLY A 436 -21.39 -16.74 -31.71
C GLY A 436 -21.73 -15.88 -32.94
N LYS A 437 -22.27 -14.70 -32.69
CA LYS A 437 -22.58 -13.76 -33.77
C LYS A 437 -21.34 -13.23 -34.47
N ILE A 438 -20.28 -12.99 -33.70
CA ILE A 438 -19.04 -12.56 -34.35
C ILE A 438 -18.53 -13.68 -35.30
N MET A 439 -18.60 -14.95 -34.86
CA MET A 439 -18.15 -16.07 -35.74
C MET A 439 -19.01 -16.14 -37.01
N LYS A 440 -20.31 -15.95 -36.87
CA LYS A 440 -21.15 -15.90 -38.07
C LYS A 440 -20.92 -14.68 -38.97
N ALA A 441 -20.70 -13.52 -38.37
CA ALA A 441 -20.37 -12.34 -39.15
C ALA A 441 -19.06 -12.62 -39.93
N GLU A 442 -18.11 -13.27 -39.27
CA GLU A 442 -16.88 -13.69 -39.91
C GLU A 442 -17.11 -14.66 -41.05
N PHE A 443 -17.94 -15.67 -40.79
CA PHE A 443 -18.19 -16.65 -41.79
C PHE A 443 -18.71 -15.95 -43.04
N TRP A 444 -19.76 -15.17 -42.90
CA TRP A 444 -20.37 -14.44 -44.02
C TRP A 444 -19.47 -13.41 -44.70
N LEU A 445 -18.79 -12.59 -43.91
CA LEU A 445 -17.88 -11.63 -44.50
C LEU A 445 -16.77 -12.38 -45.23
N ALA A 446 -16.23 -13.42 -44.63
CA ALA A 446 -15.15 -14.12 -45.32
C ALA A 446 -15.68 -14.73 -46.63
N ARG A 447 -16.91 -15.24 -46.62
CA ARG A 447 -17.51 -15.84 -47.78
C ARG A 447 -17.67 -14.81 -48.88
N MET A 448 -18.10 -13.60 -48.48
CA MET A 448 -18.23 -12.46 -49.39
C MET A 448 -16.91 -12.08 -50.01
N ILE A 449 -15.91 -11.92 -49.16
CA ILE A 449 -14.60 -11.56 -49.59
C ILE A 449 -14.08 -12.58 -50.59
N ASP A 450 -14.14 -13.86 -50.20
CA ASP A 450 -13.59 -14.96 -51.00
C ASP A 450 -14.29 -15.05 -52.38
N LEU A 451 -15.50 -14.53 -52.45
CA LEU A 451 -16.24 -14.54 -53.72
C LEU A 451 -15.79 -13.44 -54.65
N PHE A 452 -15.13 -12.42 -54.11
CA PHE A 452 -14.75 -11.32 -54.96
C PHE A 452 -13.82 -11.74 -56.11
N PRO A 453 -12.75 -12.50 -55.83
CA PRO A 453 -11.89 -12.89 -56.92
C PRO A 453 -12.66 -13.74 -57.95
N VAL A 454 -13.65 -14.53 -57.50
CA VAL A 454 -14.39 -15.39 -58.40
C VAL A 454 -15.18 -14.45 -59.30
N ALA A 455 -15.91 -13.50 -58.70
CA ALA A 455 -16.62 -12.46 -59.47
C ALA A 455 -15.72 -11.76 -60.49
N LYS A 456 -14.58 -11.26 -60.03
CA LYS A 456 -13.68 -10.47 -60.87
C LYS A 456 -13.20 -11.29 -62.02
N ARG A 457 -12.79 -12.51 -61.74
CA ARG A 457 -12.28 -13.40 -62.74
C ARG A 457 -13.37 -13.94 -63.69
N ALA A 458 -14.62 -13.94 -63.24
CA ALA A 458 -15.72 -14.35 -64.10
C ALA A 458 -16.13 -13.22 -65.05
N GLY A 459 -15.61 -12.01 -64.82
CA GLY A 459 -16.00 -10.83 -65.63
C GLY A 459 -17.24 -10.11 -65.13
N VAL A 460 -17.57 -10.29 -63.85
CA VAL A 460 -18.64 -9.48 -63.24
C VAL A 460 -18.30 -8.00 -63.36
N SER A 461 -19.31 -7.18 -63.67
CA SER A 461 -19.17 -5.74 -63.87
C SER A 461 -18.70 -4.96 -62.65
N GLU A 462 -17.90 -3.91 -62.90
CA GLU A 462 -17.59 -2.90 -61.88
C GLU A 462 -18.81 -2.38 -61.15
N ASP A 463 -19.93 -2.25 -61.84
CA ASP A 463 -21.13 -1.76 -61.20
C ASP A 463 -21.54 -2.69 -60.05
N VAL A 464 -21.51 -4.00 -60.28
CA VAL A 464 -21.86 -4.98 -59.24
C VAL A 464 -20.79 -5.02 -58.15
N LEU A 465 -19.53 -5.13 -58.56
CA LEU A 465 -18.41 -5.04 -57.62
C LEU A 465 -18.51 -3.81 -56.71
N ASN A 466 -18.87 -2.66 -57.29
CA ASN A 466 -18.91 -1.41 -56.56
C ASN A 466 -20.01 -1.40 -55.53
N GLU A 467 -21.11 -2.03 -55.90
CA GLU A 467 -22.24 -2.15 -55.02
C GLU A 467 -21.90 -3.11 -53.84
N VAL A 468 -21.14 -4.17 -54.12
CA VAL A 468 -20.72 -5.06 -53.05
C VAL A 468 -19.59 -4.44 -52.18
N ARG A 469 -18.77 -3.58 -52.78
CA ARG A 469 -17.80 -2.80 -52.01
C ARG A 469 -18.46 -1.86 -51.00
N ALA A 470 -19.54 -1.19 -51.43
CA ALA A 470 -20.35 -0.40 -50.52
C ALA A 470 -20.92 -1.28 -49.38
N LEU A 471 -21.36 -2.50 -49.70
CA LEU A 471 -21.85 -3.40 -48.65
C LEU A 471 -20.71 -3.81 -47.73
N HIS A 472 -19.54 -3.99 -48.29
CA HIS A 472 -18.41 -4.44 -47.52
C HIS A 472 -18.08 -3.45 -46.42
N TYR A 473 -18.18 -2.16 -46.71
CA TYR A 473 -17.84 -1.13 -45.72
C TYR A 473 -18.64 -1.35 -44.45
N ASP A 474 -19.96 -1.49 -44.57
CA ASP A 474 -20.84 -1.69 -43.43
C ASP A 474 -20.74 -3.10 -42.85
N ALA A 475 -20.53 -4.10 -43.71
CA ALA A 475 -20.36 -5.48 -43.25
C ALA A 475 -19.13 -5.51 -42.39
N HIS A 476 -18.09 -4.78 -42.84
CA HIS A 476 -16.88 -4.77 -42.09
C HIS A 476 -17.06 -4.05 -40.76
N LEU A 477 -17.57 -2.82 -40.85
CA LEU A 477 -17.74 -1.98 -39.68
C LEU A 477 -18.52 -2.72 -38.59
N HIS A 478 -19.64 -3.35 -38.99
CA HIS A 478 -20.51 -3.96 -37.98
C HIS A 478 -20.01 -5.32 -37.54
N TRP A 479 -18.93 -5.77 -38.18
CA TRP A 479 -18.20 -6.91 -37.64
C TRP A 479 -17.03 -6.45 -36.75
N GLU A 480 -16.14 -5.64 -37.29
CA GLU A 480 -14.85 -5.39 -36.64
C GLU A 480 -15.01 -4.63 -35.35
N TRP A 481 -16.01 -3.81 -35.27
CA TRP A 481 -16.32 -3.14 -34.03
C TRP A 481 -16.22 -4.09 -32.86
N TRP A 482 -16.67 -5.32 -33.09
CA TRP A 482 -16.89 -6.26 -32.00
C TRP A 482 -15.69 -7.14 -31.72
N THR A 483 -14.81 -7.33 -32.67
CA THR A 483 -13.57 -8.03 -32.35
C THR A 483 -12.61 -7.01 -31.88
N ALA A 484 -12.86 -5.76 -32.23
CA ALA A 484 -11.99 -4.66 -31.79
C ALA A 484 -12.30 -4.41 -30.31
N GLU A 485 -13.59 -4.37 -30.01
CA GLU A 485 -14.10 -4.04 -28.67
C GLU A 485 -13.83 -5.26 -27.81
N ASN A 486 -13.23 -5.07 -26.65
CA ASN A 486 -12.67 -6.22 -25.93
C ASN A 486 -13.58 -6.92 -24.93
N SER A 487 -14.84 -6.49 -24.82
CA SER A 487 -15.78 -7.03 -23.84
C SER A 487 -16.57 -8.21 -24.39
N VAL A 488 -16.42 -8.50 -25.68
CA VAL A 488 -17.19 -9.54 -26.37
C VAL A 488 -18.66 -9.32 -26.12
N GLY A 489 -19.13 -8.11 -26.37
CA GLY A 489 -20.55 -7.79 -26.18
C GLY A 489 -21.01 -7.38 -24.78
N PHE A 490 -20.28 -7.78 -23.73
CA PHE A 490 -20.71 -7.44 -22.39
C PHE A 490 -21.02 -5.98 -22.16
N HIS A 491 -20.22 -5.09 -22.73
CA HIS A 491 -20.43 -3.65 -22.48
C HIS A 491 -21.76 -3.12 -23.03
N ASN A 492 -22.30 -3.78 -24.07
CA ASN A 492 -23.57 -3.33 -24.64
C ASN A 492 -24.16 -4.49 -25.47
N PRO A 493 -24.73 -5.49 -24.80
CA PRO A 493 -25.08 -6.72 -25.50
C PRO A 493 -26.16 -6.50 -26.59
N ASP A 494 -27.11 -5.59 -26.39
CA ASP A 494 -28.17 -5.42 -27.33
C ASP A 494 -27.61 -4.73 -28.55
N GLN A 495 -26.70 -3.80 -28.32
CA GLN A 495 -26.08 -3.08 -29.44
C GLN A 495 -25.21 -4.04 -30.21
N ALA A 496 -24.44 -4.90 -29.51
CA ALA A 496 -23.57 -5.83 -30.21
C ALA A 496 -24.43 -6.71 -31.11
N ARG A 497 -25.55 -7.13 -30.54
CA ARG A 497 -26.44 -8.03 -31.27
C ARG A 497 -27.01 -7.37 -32.51
N GLU A 498 -27.53 -6.13 -32.37
CA GLU A 498 -28.12 -5.50 -33.56
C GLU A 498 -27.08 -5.28 -34.65
N SER A 499 -25.92 -4.79 -34.22
CA SER A 499 -24.86 -4.45 -35.12
C SER A 499 -24.29 -5.67 -35.80
N LEU A 500 -24.00 -6.73 -35.05
CA LEU A 500 -23.50 -7.96 -35.67
C LEU A 500 -24.52 -8.58 -36.62
N MET A 501 -25.80 -8.53 -36.28
CA MET A 501 -26.85 -8.99 -37.18
C MET A 501 -26.89 -8.14 -38.47
N LYS A 502 -26.60 -6.84 -38.34
CA LYS A 502 -26.48 -5.95 -39.51
C LYS A 502 -25.28 -6.36 -40.36
N SER A 503 -24.15 -6.67 -39.72
CA SER A 503 -22.97 -7.08 -40.46
C SER A 503 -23.33 -8.30 -41.30
N ILE A 504 -23.90 -9.32 -40.64
CA ILE A 504 -24.34 -10.53 -41.29
C ILE A 504 -25.32 -10.28 -42.47
N THR A 505 -26.34 -9.47 -42.22
CA THR A 505 -27.28 -9.13 -43.25
C THR A 505 -26.58 -8.52 -44.45
N LYS A 506 -25.67 -7.57 -44.22
CA LYS A 506 -24.93 -6.94 -45.32
C LYS A 506 -24.09 -7.93 -46.09
N SER A 507 -23.36 -8.79 -45.37
CA SER A 507 -22.56 -9.82 -45.99
C SER A 507 -23.37 -10.81 -46.83
N LYS A 508 -24.51 -11.27 -46.29
CA LYS A 508 -25.34 -12.19 -47.00
C LYS A 508 -25.87 -11.49 -48.26
N GLU A 509 -26.18 -10.19 -48.17
CA GLU A 509 -26.64 -9.45 -49.36
C GLU A 509 -25.52 -9.43 -50.37
N GLY A 510 -24.29 -9.16 -49.89
CA GLY A 510 -23.12 -9.09 -50.74
C GLY A 510 -22.87 -10.41 -51.44
N VAL A 511 -22.94 -11.50 -50.68
CA VAL A 511 -22.76 -12.83 -51.23
C VAL A 511 -23.81 -13.12 -52.33
N GLY A 512 -25.08 -12.79 -52.03
CA GLY A 512 -26.18 -12.97 -52.97
C GLY A 512 -25.99 -12.23 -54.30
N LYS A 513 -25.51 -11.00 -54.23
CA LYS A 513 -25.23 -10.21 -55.42
C LYS A 513 -24.06 -10.76 -56.21
N LEU A 514 -22.97 -11.13 -55.51
CA LEU A 514 -21.83 -11.75 -56.19
C LEU A 514 -22.21 -13.10 -56.84
N ASP A 515 -22.95 -13.93 -56.11
CA ASP A 515 -23.37 -15.23 -56.63
C ASP A 515 -24.20 -15.07 -57.87
N ALA A 516 -25.21 -14.20 -57.82
CA ALA A 516 -26.06 -13.94 -58.96
C ALA A 516 -25.23 -13.42 -60.15
N ALA A 517 -24.30 -12.48 -59.89
CA ALA A 517 -23.53 -11.86 -60.97
C ALA A 517 -22.58 -12.86 -61.61
N ILE A 518 -21.96 -13.70 -60.77
CA ILE A 518 -21.04 -14.72 -61.27
C ILE A 518 -21.82 -15.70 -62.11
N ASP A 519 -22.98 -16.11 -61.60
CA ASP A 519 -23.83 -17.02 -62.32
C ASP A 519 -24.21 -16.49 -63.71
N ALA A 520 -24.70 -15.25 -63.73
CA ALA A 520 -25.05 -14.61 -65.00
C ALA A 520 -23.84 -14.50 -65.92
N ALA A 521 -22.68 -14.16 -65.33
CA ALA A 521 -21.47 -13.95 -66.11
C ALA A 521 -21.03 -15.23 -66.77
N VAL A 522 -21.13 -16.33 -66.06
CA VAL A 522 -20.68 -17.62 -66.57
C VAL A 522 -21.62 -18.17 -67.62
N ALA A 523 -22.93 -18.00 -67.41
CA ALA A 523 -23.92 -18.41 -68.39
C ALA A 523 -23.94 -17.56 -69.72
N ALA A 524 -23.37 -16.35 -69.68
CA GLN B 5 -7.06 21.11 2.55
C GLN B 5 -5.91 21.86 3.26
N LEU B 6 -4.81 21.16 3.52
CA LEU B 6 -3.68 21.73 4.25
C LEU B 6 -2.89 22.73 3.41
N LYS B 7 -2.47 23.80 4.07
CA LYS B 7 -1.66 24.87 3.48
C LYS B 7 -0.32 24.84 4.18
N PRO B 8 0.77 24.73 3.41
CA PRO B 8 2.09 24.59 4.02
C PRO B 8 2.42 25.84 4.83
N VAL B 9 3.17 25.69 5.90
CA VAL B 9 3.72 26.87 6.56
C VAL B 9 5.09 27.14 6.03
N ASP B 10 5.55 28.34 6.32
CA ASP B 10 6.89 28.72 5.98
C ASP B 10 7.81 28.08 7.03
N ALA B 11 8.49 26.99 6.64
CA ALA B 11 9.32 26.25 7.59
C ALA B 11 10.56 27.05 7.98
N LEU B 12 11.02 27.89 7.05
CA LEU B 12 12.19 28.74 7.33
C LEU B 12 11.90 29.66 8.51
N GLN B 13 10.68 30.17 8.58
CA GLN B 13 10.25 30.93 9.71
C GLN B 13 10.35 30.07 10.98
N CYS B 14 9.82 28.85 10.93
CA CYS B 14 9.97 27.92 12.08
C CYS B 14 11.43 27.76 12.48
N TYR B 15 12.32 27.64 11.49
CA TYR B 15 13.69 27.32 11.81
C TYR B 15 14.34 28.42 12.60
N ASP B 16 13.85 29.64 12.43
CA ASP B 16 14.40 30.78 13.15
C ASP B 16 14.44 30.56 14.64
N CYS B 17 13.50 29.80 15.19
CA CYS B 17 13.57 29.50 16.62
C CYS B 17 13.73 28.01 16.91
N HIS B 18 13.92 27.19 15.88
CA HIS B 18 13.89 25.73 16.06
C HIS B 18 15.08 25.11 15.33
N THR B 19 16.27 25.61 15.63
CA THR B 19 17.48 25.08 15.06
C THR B 19 17.64 23.55 15.31
N GLN B 20 17.24 23.08 16.47
CA GLN B 20 17.42 21.65 16.76
C GLN B 20 16.58 20.84 15.73
N ILE B 21 15.36 21.29 15.47
CA ILE B 21 14.53 20.63 14.47
C ILE B 21 15.05 20.83 13.04
N GLU B 22 15.40 22.06 12.68
CA GLU B 22 15.98 22.30 11.36
C GLU B 22 17.10 21.33 11.09
N ASP B 23 18.02 21.17 12.05
CA ASP B 23 19.16 20.27 11.85
C ASP B 23 18.76 18.81 11.56
N MET B 24 17.58 18.43 12.00
CA MET B 24 17.13 17.07 11.83
C MET B 24 16.31 17.03 10.55
N HIS B 25 15.46 18.02 10.38
CA HIS B 25 14.57 18.11 9.24
C HIS B 25 15.24 18.26 7.86
N VAL B 26 16.20 19.17 7.73
CA VAL B 26 16.66 19.54 6.39
C VAL B 26 17.60 18.51 5.83
N VAL B 27 18.13 17.66 6.71
CA VAL B 27 19.15 16.68 6.36
C VAL B 27 18.56 15.34 5.93
N GLY B 28 17.31 15.10 6.34
CA GLY B 28 16.68 13.79 6.17
C GLY B 28 15.68 13.68 5.03
N LYS B 29 15.11 12.48 4.92
CA LYS B 29 14.16 12.18 3.88
C LYS B 29 12.80 12.82 4.10
N HIS B 30 12.63 13.59 5.20
CA HIS B 30 11.45 14.48 5.29
C HIS B 30 11.74 15.96 5.04
N ALA B 31 12.86 16.26 4.41
CA ALA B 31 13.19 17.67 4.09
C ALA B 31 12.10 18.40 3.31
N THR B 32 11.37 17.67 2.50
CA THR B 32 10.34 18.25 1.67
C THR B 32 8.98 18.18 2.33
N VAL B 33 8.91 17.51 3.47
CA VAL B 33 7.62 17.34 4.15
C VAL B 33 7.35 18.51 5.07
N ASN B 34 6.26 19.25 4.83
CA ASN B 34 5.97 20.47 5.59
C ASN B 34 5.46 20.22 7.00
N CYS B 35 5.83 21.10 7.92
CA CYS B 35 5.43 20.99 9.29
C CYS B 35 3.93 20.85 9.43
N VAL B 36 3.14 21.37 8.49
CA VAL B 36 1.66 21.40 8.68
C VAL B 36 1.03 19.99 8.75
N HIS B 37 1.70 19.02 8.15
CA HIS B 37 1.28 17.62 8.26
C HIS B 37 1.15 17.17 9.68
N CYS B 38 1.96 17.74 10.57
CA CYS B 38 2.03 17.19 11.91
C CYS B 38 1.86 18.21 13.01
N HIS B 39 1.71 19.47 12.64
CA HIS B 39 1.63 20.51 13.67
C HIS B 39 0.62 21.52 13.17
N ASP B 40 -0.18 22.08 14.07
CA ASP B 40 -0.90 23.30 13.81
C ASP B 40 -0.25 24.39 14.68
N ALA B 41 0.43 25.32 14.01
CA ALA B 41 1.28 26.29 14.70
C ALA B 41 1.02 27.74 14.29
N THR B 42 -0.18 28.04 13.76
CA THR B 42 -0.53 29.41 13.36
C THR B 42 -0.56 30.40 14.55
N GLU B 43 -1.28 30.09 15.61
CA GLU B 43 -1.32 30.99 16.76
C GLU B 43 0.03 31.00 17.50
N HIS B 44 0.69 29.83 17.56
CA HIS B 44 2.06 29.71 18.07
C HIS B 44 2.98 30.74 17.39
N VAL B 45 2.97 30.74 16.05
CA VAL B 45 3.79 31.63 15.25
C VAL B 45 3.41 33.08 15.49
N GLU B 46 2.13 33.35 15.70
CA GLU B 46 1.71 34.73 15.88
C GLU B 46 2.17 35.25 17.24
N THR B 47 2.38 34.34 18.19
CA THR B 47 2.53 34.79 19.59
C THR B 47 3.91 34.50 20.18
N ALA B 48 4.68 33.62 19.55
CA ALA B 48 5.93 33.15 20.13
C ALA B 48 7.07 34.17 19.96
N SER B 49 8.08 34.04 20.80
CA SER B 49 9.38 34.67 20.54
C SER B 49 10.33 33.52 20.67
N ALA B 50 11.60 33.74 20.36
CA ALA B 50 12.62 32.70 20.61
C ALA B 50 12.67 32.28 22.08
N ARG B 51 12.08 33.08 22.97
CA ARG B 51 12.25 32.84 24.39
C ARG B 51 10.93 32.57 25.10
N ARG B 52 9.86 32.56 24.31
CA ARG B 52 8.51 32.46 24.85
C ARG B 52 7.68 31.63 23.85
N MET B 53 7.07 30.55 24.34
CA MET B 53 6.30 29.70 23.47
C MET B 53 5.11 30.45 22.88
N GLY B 54 4.46 31.30 23.67
CA GLY B 54 3.21 31.92 23.23
C GLY B 54 2.23 30.75 23.24
N GLU B 55 1.31 30.74 22.28
CA GLU B 55 0.31 29.66 22.23
C GLU B 55 1.00 28.35 21.91
N ARG B 56 0.61 27.32 22.63
CA ARG B 56 1.20 26.01 22.40
C ARG B 56 0.69 25.50 21.07
N PRO B 57 1.61 25.21 20.14
CA PRO B 57 1.13 24.63 18.88
C PRO B 57 0.61 23.20 19.12
N VAL B 58 -0.22 22.72 18.21
CA VAL B 58 -0.78 21.39 18.32
C VAL B 58 0.23 20.50 17.62
N THR B 59 0.47 19.32 18.18
CA THR B 59 1.23 18.27 17.49
C THR B 59 0.26 17.11 17.28
N HIS B 60 0.12 16.69 16.03
CA HIS B 60 -0.77 15.59 15.65
C HIS B 60 -0.02 14.29 15.85
N THR B 61 -0.54 13.42 16.71
CA THR B 61 0.23 12.26 17.04
C THR B 61 -0.41 10.98 16.48
N SER B 62 -1.54 11.14 15.80
CA SER B 62 -2.16 9.99 15.14
C SER B 62 -1.25 9.33 14.12
N PRO B 63 -1.14 7.99 14.18
CA PRO B 63 -0.49 7.29 13.08
C PRO B 63 -1.11 7.69 11.75
N GLU B 64 -2.38 8.08 11.76
CA GLU B 64 -3.00 8.48 10.48
C GLU B 64 -2.44 9.77 9.86
N ALA B 65 -1.76 10.57 10.67
CA ALA B 65 -1.04 11.73 10.15
C ALA B 65 0.03 11.31 9.16
N CYS B 66 0.54 10.09 9.30
CA CYS B 66 1.53 9.55 8.36
C CYS B 66 0.89 8.84 7.19
N ALA B 67 -0.40 8.50 7.27
CA ALA B 67 -1.06 7.67 6.23
C ALA B 67 -1.29 8.41 4.92
N SER B 68 -1.26 9.74 4.92
CA SER B 68 -1.42 10.46 3.67
C SER B 68 -0.23 10.26 2.74
N CYS B 69 0.94 9.91 3.27
CA CYS B 69 2.05 9.59 2.40
C CYS B 69 2.56 8.18 2.52
N HIS B 70 2.10 7.45 3.55
CA HIS B 70 2.62 6.10 3.80
C HIS B 70 1.43 5.18 4.14
N THR B 71 0.44 5.18 3.25
CA THR B 71 -0.77 4.38 3.40
C THR B 71 -0.45 2.90 3.58
N ALA B 72 0.49 2.37 2.81
CA ALA B 72 0.82 0.95 2.85
C ALA B 72 1.28 0.54 4.23
N GLN B 73 2.22 1.31 4.79
CA GLN B 73 2.73 1.02 6.14
C GLN B 73 1.61 1.23 7.16
N PHE B 74 0.85 2.30 7.01
CA PHE B 74 -0.27 2.51 7.92
C PHE B 74 -1.26 1.34 7.88
N ASN B 75 -1.67 0.95 6.69
CA ASN B 75 -2.69 -0.14 6.57
C ASN B 75 -2.19 -1.39 7.24
N SER B 76 -0.92 -1.70 7.01
CA SER B 76 -0.31 -2.88 7.63
C SER B 76 -0.27 -2.74 9.17
N PHE B 77 0.08 -1.56 9.62
CA PHE B 77 0.14 -1.21 11.05
C PHE B 77 -1.20 -1.40 11.77
N ALA B 78 -2.28 -1.10 11.08
CA ALA B 78 -3.62 -1.22 11.63
C ALA B 78 -4.20 -2.62 11.51
N SER B 79 -3.54 -3.49 10.76
CA SER B 79 -4.17 -4.75 10.42
C SER B 79 -4.31 -5.65 11.67
N VAL B 80 -5.26 -6.56 11.59
CA VAL B 80 -5.53 -7.43 12.71
C VAL B 80 -5.26 -8.89 12.29
N ARG B 81 -4.60 -9.64 13.15
CA ARG B 81 -4.38 -11.03 12.84
C ARG B 81 -5.47 -11.79 13.58
N HIS B 82 -6.47 -12.23 12.85
CA HIS B 82 -7.60 -12.89 13.50
C HIS B 82 -7.19 -14.18 14.17
N GLU B 83 -6.19 -14.83 13.62
CA GLU B 83 -5.72 -16.10 14.21
C GLU B 83 -5.07 -15.94 15.57
N SER B 84 -4.68 -14.72 15.93
CA SER B 84 -4.10 -14.50 17.27
C SER B 84 -5.23 -14.47 18.26
N HIS B 85 -5.38 -15.56 19.03
CA HIS B 85 -6.54 -15.72 19.93
C HIS B 85 -6.69 -14.50 20.84
N PRO B 86 -7.83 -13.81 20.73
CA PRO B 86 -8.10 -12.62 21.48
C PRO B 86 -8.61 -12.93 22.89
N ARG B 87 -8.14 -12.14 23.87
CA ARG B 87 -8.67 -12.15 25.23
C ARG B 87 -8.59 -13.54 25.81
N GLU B 88 -7.53 -14.27 25.46
CA GLU B 88 -7.37 -15.62 25.97
C GLU B 88 -6.59 -15.57 27.27
N GLU B 89 -7.21 -16.04 28.37
CA GLU B 89 -6.59 -15.97 29.70
C GLU B 89 -5.46 -16.99 29.80
N LYS B 90 -4.30 -16.56 30.31
CA LYS B 90 -3.17 -17.48 30.45
C LYS B 90 -3.30 -18.50 31.58
N ALA B 91 -4.04 -18.15 32.62
CA ALA B 91 -4.26 -19.04 33.78
C ALA B 91 -5.38 -20.04 33.43
N ASN B 92 -4.99 -21.07 32.70
CA ASN B 92 -5.93 -21.75 31.83
C ASN B 92 -5.21 -22.94 31.21
N PRO B 93 -5.78 -24.17 31.29
CA PRO B 93 -5.12 -25.36 30.69
C PRO B 93 -4.91 -25.26 29.19
N ARG B 94 -5.71 -24.44 28.51
CA ARG B 94 -5.53 -24.20 27.08
C ARG B 94 -4.45 -23.17 26.77
N SER B 95 -3.81 -22.63 27.81
CA SER B 95 -2.89 -21.53 27.54
C SER B 95 -1.58 -21.75 28.29
N ARG B 96 -0.93 -20.65 28.61
CA ARG B 96 0.50 -20.65 28.92
C ARG B 96 0.78 -21.12 30.34
N SER B 97 -0.13 -20.89 31.26
CA SER B 97 0.26 -21.02 32.64
C SER B 97 -0.93 -21.54 33.42
N PRO B 98 -1.22 -22.84 33.27
CA PRO B 98 -2.39 -23.39 33.91
C PRO B 98 -2.42 -23.22 35.44
N LYS B 99 -1.25 -23.24 36.09
CA LYS B 99 -1.24 -23.05 37.54
C LYS B 99 -0.99 -21.60 37.99
N PHE B 100 -1.14 -20.64 37.08
CA PHE B 100 -0.81 -19.25 37.36
C PHE B 100 -1.53 -18.68 38.59
N ASP B 101 -2.77 -19.10 38.81
CA ASP B 101 -3.48 -18.63 40.00
C ASP B 101 -2.78 -19.00 41.32
N THR B 102 -2.20 -20.18 41.39
CA THR B 102 -1.49 -20.56 42.61
C THR B 102 -0.19 -19.80 42.69
N LEU B 103 0.49 -19.74 41.55
CA LEU B 103 1.84 -19.23 41.44
C LEU B 103 1.90 -17.75 41.73
N ILE B 104 0.90 -17.01 41.23
CA ILE B 104 0.96 -15.56 41.35
C ILE B 104 0.20 -15.04 42.57
N GLY B 105 -0.71 -15.87 43.13
CA GLY B 105 -1.44 -15.51 44.34
C GLY B 105 -2.25 -14.23 44.15
N ALA B 106 -2.12 -13.26 45.04
CA ALA B 106 -2.97 -12.05 44.99
C ALA B 106 -2.40 -10.92 44.12
N HIS B 107 -1.37 -11.20 43.32
CA HIS B 107 -0.86 -10.19 42.39
C HIS B 107 -1.98 -9.71 41.45
N GLY B 108 -1.94 -8.44 41.05
CA GLY B 108 -2.91 -7.92 40.10
C GLY B 108 -3.09 -8.78 38.83
N PHE B 109 -2.04 -9.44 38.35
CA PHE B 109 -2.18 -10.34 37.20
C PHE B 109 -3.13 -11.48 37.41
N SER B 110 -3.43 -11.81 38.68
CA SER B 110 -4.39 -12.86 38.93
C SER B 110 -5.78 -12.41 38.47
N LEU B 111 -6.02 -11.11 38.32
CA LEU B 111 -7.36 -10.72 37.91
C LEU B 111 -7.59 -10.96 36.39
N GLU B 112 -6.55 -10.83 35.60
CA GLU B 112 -6.58 -11.24 34.21
C GLU B 112 -5.20 -11.09 33.65
N HIS B 113 -4.72 -12.13 32.98
CA HIS B 113 -3.52 -11.97 32.18
C HIS B 113 -3.78 -12.69 30.87
N ALA B 114 -4.22 -11.95 29.86
CA ALA B 114 -4.48 -12.58 28.57
C ALA B 114 -3.21 -12.61 27.71
N GLU B 115 -3.22 -13.46 26.71
CA GLU B 115 -2.17 -13.56 25.75
C GLU B 115 -2.20 -12.25 24.92
N PRO B 116 -1.07 -11.89 24.31
CA PRO B 116 -1.00 -10.70 23.45
C PRO B 116 -1.79 -10.97 22.17
N ARG B 117 -2.31 -9.90 21.58
CA ARG B 117 -2.92 -9.96 20.23
C ARG B 117 -2.35 -8.79 19.46
N SER B 118 -2.90 -8.52 18.29
CA SER B 118 -2.35 -7.53 17.39
C SER B 118 -2.07 -6.17 18.00
N HIS B 119 -0.97 -5.56 17.53
CA HIS B 119 -0.51 -4.24 18.00
C HIS B 119 -1.60 -3.16 18.01
N ALA B 120 -2.46 -3.17 16.99
CA ALA B 120 -3.50 -2.17 16.87
C ALA B 120 -4.28 -2.01 18.17
N PHE B 121 -4.45 -3.10 18.92
CA PHE B 121 -5.30 -3.08 20.09
C PHE B 121 -4.58 -2.74 21.36
N MET B 122 -3.27 -2.48 21.32
CA MET B 122 -2.49 -2.47 22.58
C MET B 122 -2.94 -1.43 23.61
N LEU B 123 -3.25 -0.21 23.18
CA LEU B 123 -3.75 0.78 24.14
C LEU B 123 -5.13 0.40 24.65
N VAL B 124 -6.01 0.05 23.72
CA VAL B 124 -7.33 -0.38 24.09
C VAL B 124 -7.24 -1.51 25.13
N ASP B 125 -6.40 -2.50 24.85
CA ASP B 125 -6.38 -3.69 25.67
C ASP B 125 -5.84 -3.32 27.05
N HIS B 126 -4.84 -2.46 27.04
CA HIS B 126 -4.33 -1.92 28.29
C HIS B 126 -5.45 -1.26 29.10
N PHE B 127 -6.28 -0.47 28.43
CA PHE B 127 -7.38 0.22 29.14
C PHE B 127 -8.47 -0.69 29.68
N ILE B 128 -8.80 -1.73 28.92
CA ILE B 128 -9.96 -2.54 29.27
C ILE B 128 -9.64 -3.85 30.02
N VAL B 129 -8.39 -4.31 30.03
CA VAL B 129 -8.05 -5.57 30.75
C VAL B 129 -8.53 -5.46 32.21
N ASP B 130 -8.92 -6.58 32.83
CA ASP B 130 -9.60 -6.52 34.11
C ASP B 130 -8.68 -6.07 35.24
N ARG B 131 -7.38 -6.19 35.03
CA ARG B 131 -6.39 -5.90 36.09
C ARG B 131 -6.00 -4.41 36.18
N ALA B 132 -6.42 -3.62 35.19
CA ALA B 132 -5.83 -2.28 34.99
C ALA B 132 -6.55 -1.12 35.65
N TYR B 133 -7.85 -1.00 35.36
CA TYR B 133 -8.63 0.20 35.79
C TYR B 133 -9.91 -0.17 36.50
N GLY B 134 -9.88 -1.31 37.18
CA GLY B 134 -11.06 -1.77 37.85
C GLY B 134 -12.30 -1.93 36.98
N GLY B 135 -12.13 -2.26 35.73
CA GLY B 135 -13.29 -2.36 34.83
C GLY B 135 -13.90 -1.03 34.43
N ARG B 136 -13.25 0.07 34.78
CA ARG B 136 -13.73 1.40 34.42
C ARG B 136 -13.96 1.61 32.92
N PHE B 137 -13.03 1.12 32.10
CA PHE B 137 -13.06 1.31 30.67
C PHE B 137 -13.48 0.02 29.99
N GLN B 138 -14.38 0.13 29.03
CA GLN B 138 -14.95 -1.04 28.37
C GLN B 138 -15.22 -0.73 26.91
N TYR B 139 -15.09 -1.74 26.07
CA TYR B 139 -15.50 -1.61 24.69
C TYR B 139 -16.95 -1.11 24.69
N LYS B 140 -17.28 -0.18 23.81
CA LYS B 140 -18.67 0.36 23.76
C LYS B 140 -19.64 -0.79 23.41
N SER B 141 -19.08 -1.76 22.72
CA SER B 141 -19.81 -2.91 22.24
C SER B 141 -18.86 -4.08 22.08
N TRP B 142 -19.31 -5.28 22.41
CA TRP B 142 -18.56 -6.49 22.10
C TRP B 142 -18.26 -6.65 20.61
N GLN B 143 -19.05 -6.00 19.75
CA GLN B 143 -18.72 -5.97 18.32
C GLN B 143 -17.40 -5.27 18.06
N ASN B 144 -16.99 -4.39 18.98
CA ASN B 144 -15.82 -3.53 18.70
C ASN B 144 -14.48 -4.25 18.74
N VAL B 145 -14.51 -5.51 19.18
CA VAL B 145 -13.28 -6.26 19.44
C VAL B 145 -12.47 -6.48 18.20
N THR B 146 -13.11 -6.36 17.04
CA THR B 146 -12.45 -6.66 15.77
C THR B 146 -11.78 -5.41 15.20
N ASP B 147 -12.12 -4.26 15.75
CA ASP B 147 -11.87 -3.05 15.00
C ASP B 147 -10.47 -2.53 15.27
N GLY B 148 -9.51 -3.05 14.53
CA GLY B 148 -8.11 -2.64 14.70
C GLY B 148 -7.94 -1.22 14.23
N LEU B 149 -8.51 -0.93 13.05
CA LEU B 149 -8.44 0.40 12.48
C LEU B 149 -9.08 1.44 13.42
N GLY B 150 -10.27 1.15 14.00
CA GLY B 150 -10.90 2.10 14.94
C GLY B 150 -10.00 2.37 16.14
N ALA B 151 -9.39 1.29 16.63
CA ALA B 151 -8.45 1.37 17.75
C ALA B 151 -7.27 2.29 17.40
N VAL B 152 -6.69 2.14 16.21
CA VAL B 152 -5.58 2.97 15.77
C VAL B 152 -6.01 4.44 15.71
N ARG B 153 -7.20 4.66 15.18
CA ARG B 153 -7.76 6.01 15.04
C ARG B 153 -8.06 6.67 16.35
N GLY B 154 -8.31 5.91 17.39
CA GLY B 154 -8.43 6.49 18.74
C GLY B 154 -9.13 5.50 19.63
N ALA B 155 -8.51 5.18 20.75
CA ALA B 155 -9.13 4.29 21.72
C ALA B 155 -10.56 4.69 22.05
N TRP B 156 -10.81 5.98 22.23
CA TRP B 156 -12.07 6.40 22.74
C TRP B 156 -13.16 6.32 21.68
N THR B 157 -12.81 5.96 20.45
CA THR B 157 -13.85 5.76 19.43
C THR B 157 -14.48 4.37 19.59
N VAL B 158 -13.77 3.47 20.26
CA VAL B 158 -14.25 2.11 20.43
C VAL B 158 -14.47 1.71 21.89
N ILE B 159 -13.85 2.39 22.83
CA ILE B 159 -14.11 2.08 24.23
C ILE B 159 -14.73 3.27 24.94
N GLU B 160 -15.22 3.04 26.15
CA GLU B 160 -15.90 4.07 26.92
C GLU B 160 -15.59 3.94 28.41
N ASP B 161 -15.75 5.05 29.10
CA ASP B 161 -15.55 5.23 30.53
C ASP B 161 -16.88 5.04 31.24
N MET B 162 -16.95 4.08 32.18
CA MET B 162 -18.17 3.88 32.94
C MET B 162 -18.58 5.08 33.79
N ASP B 163 -17.61 5.89 34.23
CA ASP B 163 -17.95 7.09 35.02
C ASP B 163 -17.05 8.29 34.70
N PRO B 164 -17.41 9.05 33.67
CA PRO B 164 -16.56 10.19 33.30
C PRO B 164 -16.51 11.31 34.38
N THR B 165 -17.34 11.21 35.41
CA THR B 165 -17.46 12.27 36.41
C THR B 165 -16.43 12.14 37.52
N THR B 166 -15.73 11.01 37.58
CA THR B 166 -14.76 10.82 38.64
C THR B 166 -13.48 10.33 38.02
N SER B 167 -12.39 10.51 38.75
CA SER B 167 -11.06 10.26 38.24
C SER B 167 -10.33 9.27 39.09
N ASP B 168 -11.03 8.66 40.03
CA ASP B 168 -10.28 7.89 40.99
C ASP B 168 -10.20 6.47 40.44
N GLN B 169 -9.17 5.73 40.81
CA GLN B 169 -9.07 4.34 40.46
C GLN B 169 -9.91 3.54 41.44
N ARG B 170 -10.93 2.86 40.92
CA ARG B 170 -11.74 2.00 41.81
C ARG B 170 -12.30 0.85 40.96
N ARG B 171 -12.79 -0.17 41.62
CA ARG B 171 -13.43 -1.29 40.96
C ARG B 171 -14.86 -0.97 40.57
N PHE B 172 -15.16 -1.28 39.32
CA PHE B 172 -16.51 -1.17 38.76
C PHE B 172 -17.12 -2.57 38.64
N LEU B 173 -16.28 -3.58 38.60
CA LEU B 173 -16.67 -4.97 38.59
C LEU B 173 -15.91 -5.66 39.70
N ALA B 174 -16.53 -6.67 40.28
CA ALA B 174 -16.03 -7.24 41.53
C ALA B 174 -14.66 -7.84 41.35
N GLN B 175 -14.45 -8.58 40.25
CA GLN B 175 -13.13 -9.17 40.04
C GLN B 175 -12.23 -8.41 39.06
N THR B 176 -11.85 -7.22 39.49
CA THR B 176 -10.95 -6.36 38.71
C THR B 176 -9.92 -5.82 39.69
N ALA B 177 -8.85 -5.26 39.15
CA ALA B 177 -7.82 -4.61 39.97
C ALA B 177 -7.49 -3.28 39.29
N THR B 178 -6.79 -2.41 40.03
CA THR B 178 -6.44 -1.11 39.50
C THR B 178 -4.92 -1.02 39.46
N ALA B 179 -4.28 -1.99 38.81
CA ALA B 179 -2.83 -2.00 38.69
C ALA B 179 -2.28 -0.92 37.76
N ALA B 180 -3.11 -0.32 36.91
CA ALA B 180 -2.54 0.64 35.93
C ALA B 180 -1.96 1.85 36.63
N ASN B 181 -0.90 2.41 36.05
CA ASN B 181 -0.36 3.67 36.53
C ASN B 181 0.22 4.31 35.32
N PRO B 182 0.68 5.58 35.47
CA PRO B 182 1.15 6.25 34.28
C PRO B 182 2.31 5.62 33.54
N VAL B 183 3.15 4.86 34.22
CA VAL B 183 4.30 4.32 33.51
C VAL B 183 3.86 3.34 32.42
N CYS B 184 2.80 2.58 32.68
CA CYS B 184 2.29 1.56 31.73
C CYS B 184 2.18 2.15 30.34
N LEU B 185 1.66 3.38 30.26
CA LEU B 185 1.24 3.96 29.00
C LEU B 185 2.37 4.10 28.05
N ASN B 186 3.58 4.23 28.59
CA ASN B 186 4.76 4.40 27.77
C ASN B 186 5.05 3.27 26.85
N CYS B 187 4.47 2.11 27.16
CA CYS B 187 4.59 0.92 26.29
C CYS B 187 3.33 0.66 25.50
N LYS B 188 2.38 1.60 25.53
CA LYS B 188 1.15 1.44 24.80
C LYS B 188 1.02 2.52 23.73
N THR B 189 1.54 3.72 24.03
CA THR B 189 1.32 4.94 23.22
C THR B 189 2.48 5.91 23.52
N GLN B 190 2.71 6.84 22.61
CA GLN B 190 3.53 8.00 22.89
C GLN B 190 2.78 9.27 22.51
N ASP B 191 1.46 9.21 22.58
CA ASP B 191 0.70 10.44 22.42
C ASP B 191 1.20 11.56 23.38
N HIS B 192 1.66 11.13 24.56
CA HIS B 192 2.06 12.03 25.66
C HIS B 192 3.53 12.42 25.54
N ILE B 193 4.17 12.09 24.42
CA ILE B 193 5.60 12.34 24.25
C ILE B 193 6.08 13.78 24.55
N LEU B 194 5.22 14.78 24.35
CA LEU B 194 5.61 16.16 24.65
C LEU B 194 5.09 16.60 25.98
N ASP B 195 4.53 15.65 26.75
CA ASP B 195 3.84 16.00 27.98
C ASP B 195 4.34 15.18 29.15
N TRP B 196 5.52 14.62 28.99
CA TRP B 196 6.04 13.64 29.91
C TRP B 196 7.53 13.87 29.90
N ALA B 197 8.11 14.22 31.06
CA ALA B 197 9.58 14.38 31.11
C ALA B 197 10.20 13.00 31.04
N TYR B 198 11.46 12.94 30.58
CA TYR B 198 12.27 11.74 30.65
C TYR B 198 12.13 11.08 32.01
N MET B 199 11.76 9.80 31.99
CA MET B 199 11.56 8.89 33.13
C MET B 199 10.24 9.08 33.82
N GLY B 200 9.48 10.09 33.38
CA GLY B 200 8.21 10.43 34.03
C GLY B 200 8.42 11.22 35.31
N ASP B 201 9.59 11.81 35.49
CA ASP B 201 9.86 12.74 36.62
C ASP B 201 8.85 13.86 36.62
N GLU B 202 8.38 14.25 37.79
CA GLU B 202 7.64 15.52 37.86
C GLU B 202 8.53 16.65 37.33
N HIS B 203 7.92 17.56 36.58
CA HIS B 203 8.69 18.55 35.81
C HIS B 203 7.69 19.63 35.53
N ASP B 204 8.15 20.88 35.54
CA ASP B 204 7.23 21.99 35.29
C ASP B 204 6.57 21.96 33.93
N ALA B 205 7.28 21.43 32.95
CA ALA B 205 6.75 21.41 31.58
C ALA B 205 5.89 20.15 31.30
N ALA B 206 5.83 19.22 32.24
CA ALA B 206 5.15 17.96 32.02
C ALA B 206 3.79 17.93 32.70
N LYS B 207 2.75 17.93 31.88
CA LYS B 207 1.38 17.63 32.29
C LYS B 207 1.28 16.32 33.06
N TRP B 208 2.08 15.34 32.66
CA TRP B 208 1.91 13.99 33.15
C TRP B 208 3.21 13.46 33.69
N ALA B 209 3.11 12.65 34.73
CA ALA B 209 4.30 12.11 35.33
C ALA B 209 4.00 10.72 35.95
N ARG B 210 5.04 10.07 36.49
CA ARG B 210 4.85 8.78 37.13
C ARG B 210 3.74 8.89 38.21
N THR B 211 3.61 10.07 38.84
CA THR B 211 2.75 10.25 40.01
C THR B 211 1.34 10.77 39.69
N SER B 212 1.05 10.96 38.40
CA SER B 212 -0.24 11.45 37.93
C SER B 212 -1.36 10.46 38.23
N LYS B 213 -2.58 10.99 38.23
CA LYS B 213 -3.82 10.27 38.37
C LYS B 213 -3.98 9.56 37.03
N VAL B 214 -3.73 8.28 37.05
CA VAL B 214 -3.70 7.51 35.82
C VAL B 214 -5.02 7.56 35.05
N VAL B 215 -6.15 7.67 35.75
CA VAL B 215 -7.41 7.75 35.00
C VAL B 215 -7.49 9.04 34.17
N ASP B 216 -6.98 10.16 34.71
CA ASP B 216 -7.03 11.42 33.94
C ASP B 216 -6.07 11.31 32.75
N PHE B 217 -4.88 10.73 33.00
CA PHE B 217 -3.84 10.51 31.95
C PHE B 217 -4.44 9.63 30.86
N ALA B 218 -5.12 8.56 31.25
CA ALA B 218 -5.73 7.62 30.26
C ALA B 218 -6.60 8.36 29.28
N ARG B 219 -7.45 9.23 29.82
CA ARG B 219 -8.37 10.03 29.02
C ARG B 219 -7.67 10.93 28.01
N ASP B 220 -6.39 11.22 28.19
CA ASP B 220 -5.70 12.13 27.28
C ASP B 220 -4.99 11.35 26.16
N LEU B 221 -5.23 10.05 26.09
CA LEU B 221 -4.40 9.19 25.24
C LEU B 221 -5.28 8.39 24.31
N HIS B 222 -4.78 8.18 23.10
CA HIS B 222 -5.63 7.77 22.00
C HIS B 222 -5.06 6.70 21.12
N HIS B 223 -3.80 6.81 20.76
CA HIS B 223 -3.26 5.95 19.71
C HIS B 223 -2.25 4.95 20.21
N PRO B 224 -2.28 3.73 19.64
CA PRO B 224 -1.33 2.69 19.96
C PRO B 224 -0.03 2.91 19.23
N VAL B 225 1.06 2.53 19.89
CA VAL B 225 2.42 2.40 19.33
C VAL B 225 2.71 3.37 18.19
N ASN B 226 2.74 4.67 18.51
CA ASN B 226 2.82 5.70 17.45
C ASN B 226 3.92 5.48 16.44
N CYS B 227 3.69 5.85 15.19
CA CYS B 227 4.68 5.60 14.15
C CYS B 227 6.02 6.19 14.57
N TYR B 228 5.97 7.34 15.25
CA TYR B 228 7.23 8.00 15.64
C TYR B 228 7.95 7.31 16.83
N MET B 229 7.38 6.21 17.37
CA MET B 229 8.19 5.48 18.38
C MET B 229 9.48 4.87 17.80
N CYS B 230 9.51 4.68 16.50
CA CYS B 230 10.65 4.02 15.85
C CYS B 230 11.34 4.84 14.78
N HIS B 231 10.75 5.96 14.43
CA HIS B 231 11.20 6.72 13.31
C HIS B 231 11.11 8.17 13.79
N ASP B 232 12.20 8.89 13.67
CA ASP B 232 12.14 10.30 14.01
C ASP B 232 11.25 10.95 12.98
N PRO B 233 10.29 11.77 13.39
CA PRO B 233 9.34 12.33 12.40
C PRO B 233 9.93 13.47 11.55
N HIS B 234 11.01 14.07 12.07
CA HIS B 234 11.67 15.18 11.39
C HIS B 234 12.77 14.66 10.45
N SER B 235 13.65 13.76 10.91
CA SER B 235 14.74 13.31 10.05
C SER B 235 14.43 12.01 9.30
N THR B 236 13.39 11.33 9.77
CA THR B 236 13.04 9.94 9.39
C THR B 236 13.97 8.85 9.96
N GLU B 237 14.99 9.24 10.70
CA GLU B 237 16.02 8.26 11.00
C GLU B 237 15.47 7.34 12.10
N PRO B 238 16.03 6.12 12.18
CA PRO B 238 15.54 5.19 13.18
C PRO B 238 15.88 5.70 14.56
N ARG B 239 14.97 5.48 15.51
CA ARG B 239 15.19 5.92 16.85
C ARG B 239 14.40 5.07 17.80
N VAL B 240 14.65 5.28 19.09
CA VAL B 240 13.77 4.87 20.15
C VAL B 240 13.37 6.13 20.89
N VAL B 241 12.19 6.10 21.48
CA VAL B 241 11.75 7.21 22.29
C VAL B 241 11.52 6.78 23.73
N ARG B 242 11.57 5.45 24.00
CA ARG B 242 11.12 4.97 25.34
C ARG B 242 12.16 5.35 26.40
N ASP B 243 11.77 6.11 27.42
CA ASP B 243 12.75 6.63 28.37
C ASP B 243 13.57 5.56 29.08
N ALA B 244 12.90 4.57 29.62
CA ALA B 244 13.59 3.51 30.32
C ALA B 244 14.62 2.79 29.49
N LEU B 245 14.42 2.73 28.17
CA LEU B 245 15.37 2.03 27.30
C LEU B 245 16.63 2.90 27.16
N ILE B 246 16.42 4.19 26.91
CA ILE B 246 17.56 5.13 26.85
C ILE B 246 18.31 5.07 28.19
N HIS B 247 17.57 5.06 29.29
CA HIS B 247 18.14 5.01 30.64
C HIS B 247 18.99 3.78 30.83
N ALA B 248 18.48 2.63 30.39
CA ALA B 248 19.28 1.41 30.46
C ALA B 248 20.53 1.48 29.62
N VAL B 249 20.38 1.88 28.37
CA VAL B 249 21.50 1.88 27.44
C VAL B 249 22.54 2.91 27.83
N VAL B 250 22.07 4.12 28.13
CA VAL B 250 22.92 5.28 28.33
C VAL B 250 23.20 5.50 29.85
N ASP B 251 22.16 5.79 30.63
CA ASP B 251 22.33 6.20 32.03
C ASP B 251 22.91 5.08 32.89
N GLN B 252 22.44 3.86 32.66
CA GLN B 252 22.97 2.72 33.37
C GLN B 252 24.30 2.24 32.82
N GLY B 253 24.68 2.78 31.66
CA GLY B 253 25.95 2.46 31.00
C GLY B 253 26.01 1.09 30.37
N LEU B 254 24.86 0.50 30.07
CA LEU B 254 24.84 -0.92 29.75
C LEU B 254 25.12 -1.19 28.27
N GLY B 255 24.91 -0.19 27.43
CA GLY B 255 25.07 -0.33 25.98
C GLY B 255 23.85 -0.97 25.33
N THR B 256 23.80 -0.93 24.00
CA THR B 256 22.67 -1.47 23.27
C THR B 256 22.54 -2.98 23.38
N TYR B 257 23.69 -3.64 23.39
CA TYR B 257 23.72 -5.10 23.59
C TYR B 257 24.59 -5.35 24.79
N PRO B 258 23.98 -5.36 25.99
CA PRO B 258 24.80 -5.42 27.21
C PRO B 258 25.68 -6.67 27.35
N TYR B 259 25.39 -7.71 26.57
CA TYR B 259 26.20 -8.92 26.63
C TYR B 259 27.19 -9.02 25.48
N ASP B 260 27.28 -7.98 24.68
CA ASP B 260 28.19 -7.98 23.55
C ASP B 260 28.74 -6.57 23.36
N GLU B 261 29.94 -6.35 23.90
CA GLU B 261 30.59 -5.06 23.82
C GLU B 261 30.88 -4.57 22.38
N ALA B 262 31.36 -5.45 21.50
CA ALA B 262 31.59 -5.04 20.12
C ALA B 262 30.26 -4.60 19.48
N LYS B 263 29.19 -5.36 19.71
CA LYS B 263 27.91 -5.08 19.05
C LYS B 263 27.34 -3.77 19.58
N SER B 264 27.59 -3.51 20.86
CA SER B 264 27.20 -2.25 21.51
C SER B 264 27.93 -1.03 20.92
N GLU B 265 29.08 -1.30 20.31
CA GLU B 265 29.82 -0.29 19.55
C GLU B 265 29.34 -0.18 18.12
N HIS B 266 28.83 -1.28 17.56
CA HIS B 266 28.36 -1.32 16.16
C HIS B 266 26.96 -0.73 16.07
N VAL B 267 26.15 -0.99 17.09
CA VAL B 267 24.80 -0.48 17.15
C VAL B 267 24.73 0.54 18.26
N THR B 268 24.46 1.79 17.89
CA THR B 268 24.59 2.88 18.85
C THR B 268 23.32 3.66 19.04
N LEU B 269 23.12 4.13 20.26
CA LEU B 269 22.02 5.00 20.53
C LEU B 269 22.61 6.35 20.90
N THR B 270 22.21 7.41 20.20
CA THR B 270 22.69 8.76 20.47
C THR B 270 21.58 9.53 21.12
N PRO B 271 21.77 9.90 22.39
CA PRO B 271 20.67 10.54 23.05
C PRO B 271 20.57 11.96 22.55
N VAL B 272 19.33 12.44 22.47
CA VAL B 272 19.06 13.81 22.10
C VAL B 272 18.12 14.31 23.13
N THR B 273 18.48 15.43 23.74
CA THR B 273 17.63 16.03 24.75
C THR B 273 16.97 17.27 24.22
N PHE B 274 15.67 17.41 24.50
CA PHE B 274 15.00 18.61 24.16
C PHE B 274 14.68 19.34 25.43
N GLN B 275 14.76 20.65 25.36
CA GLN B 275 14.62 21.45 26.58
C GLN B 275 13.34 22.22 26.66
N ARG B 276 12.97 22.59 27.89
CA ARG B 276 11.82 23.45 28.08
C ARG B 276 12.27 24.59 28.98
N GLY B 277 12.19 25.83 28.48
CA GLY B 277 12.59 27.04 29.20
C GLY B 277 14.00 26.84 29.68
N GLY B 278 14.83 26.19 28.84
CA GLY B 278 16.24 25.94 29.13
C GLY B 278 16.55 24.76 30.04
N GLU B 279 15.55 23.99 30.41
CA GLU B 279 15.78 22.86 31.29
C GLU B 279 15.60 21.56 30.52
N ASP B 280 16.44 20.56 30.77
CA ASP B 280 16.28 19.26 30.11
C ASP B 280 14.88 18.71 30.38
N PHE B 281 14.25 18.20 29.34
CA PHE B 281 12.89 17.78 29.52
C PHE B 281 12.69 16.37 29.04
N ARG B 282 12.82 16.17 27.72
CA ARG B 282 12.55 14.86 27.11
C ARG B 282 13.73 14.42 26.28
N LYS B 283 13.84 13.11 26.06
CA LYS B 283 14.96 12.58 25.30
C LYS B 283 14.46 11.60 24.26
N ILE B 284 15.25 11.47 23.20
CA ILE B 284 15.09 10.35 22.31
C ILE B 284 16.45 9.73 22.12
N GLY B 285 16.48 8.60 21.43
CA GLY B 285 17.72 7.89 21.19
C GLY B 285 17.84 7.55 19.71
N LEU B 286 18.68 8.30 19.01
CA LEU B 286 18.89 8.01 17.59
C LEU B 286 19.73 6.79 17.36
N LEU B 287 19.27 5.92 16.50
CA LEU B 287 20.02 4.71 16.22
C LEU B 287 20.86 4.94 15.00
N ASN B 288 22.06 4.39 14.97
CA ASN B 288 22.84 4.52 13.73
C ASN B 288 22.38 3.54 12.63
N VAL B 289 21.64 2.51 13.02
CA VAL B 289 21.11 1.52 12.06
C VAL B 289 19.68 1.27 12.48
N ALA B 290 18.82 0.84 11.55
CA ALA B 290 17.43 0.52 11.90
C ALA B 290 17.36 -0.83 12.59
N ASP B 291 17.84 -0.88 13.84
CA ASP B 291 17.92 -2.13 14.58
C ASP B 291 16.59 -2.35 15.23
N SER B 292 15.78 -3.28 14.68
CA SER B 292 14.47 -3.56 15.30
C SER B 292 14.62 -4.18 16.69
N ASN B 293 15.73 -4.86 16.98
CA ASN B 293 15.87 -5.36 18.38
C ASN B 293 15.62 -4.23 19.39
N LEU B 294 16.26 -3.10 19.14
CA LEU B 294 16.09 -1.95 20.04
C LEU B 294 14.71 -1.28 19.92
N MET B 295 14.23 -1.10 18.68
CA MET B 295 12.89 -0.57 18.44
C MET B 295 11.82 -1.37 19.19
N CYS B 296 11.86 -2.68 19.04
CA CYS B 296 10.86 -3.54 19.63
C CYS B 296 11.17 -3.64 21.13
N GLY B 297 12.45 -3.53 21.46
CA GLY B 297 12.91 -3.64 22.80
C GLY B 297 12.47 -2.46 23.63
N GLN B 298 11.85 -1.43 23.02
CA GLN B 298 11.17 -0.38 23.78
C GLN B 298 10.07 -0.90 24.67
N CYS B 299 9.49 -2.04 24.29
CA CYS B 299 8.32 -2.58 25.00
C CYS B 299 8.43 -4.02 25.37
N HIS B 300 9.07 -4.81 24.50
CA HIS B 300 9.09 -6.27 24.71
C HIS B 300 10.27 -6.65 25.60
N VAL B 301 10.23 -6.07 26.81
CA VAL B 301 11.31 -6.27 27.77
C VAL B 301 10.71 -6.37 29.16
N GLU B 302 11.53 -6.79 30.11
CA GLU B 302 11.14 -6.88 31.49
C GLU B 302 11.43 -5.54 32.12
N TYR B 303 10.50 -5.08 32.93
CA TYR B 303 10.54 -3.72 33.40
C TYR B 303 9.93 -3.65 34.79
N ASN B 304 10.21 -2.54 35.45
CA ASN B 304 9.29 -2.01 36.46
C ASN B 304 8.44 -0.90 35.87
N CYS B 305 7.14 -0.93 36.16
CA CYS B 305 6.23 0.13 35.77
C CYS B 305 5.12 -0.01 36.80
N ASN B 306 5.50 0.07 38.09
CA ASN B 306 4.61 -0.31 39.17
C ASN B 306 5.29 -0.07 40.52
N PRO B 307 4.51 0.18 41.59
CA PRO B 307 5.20 0.27 42.88
C PRO B 307 5.72 -1.10 43.27
N GLY B 308 6.65 -1.12 44.21
CA GLY B 308 7.20 -2.37 44.66
C GLY B 308 7.71 -2.16 46.05
N PHE B 309 8.75 -2.90 46.40
CA PHE B 309 9.23 -2.93 47.78
C PHE B 309 10.73 -3.07 47.76
N GLN B 310 11.39 -2.59 48.79
CA GLN B 310 12.84 -2.69 48.83
C GLN B 310 13.22 -4.01 49.43
N GLN B 311 14.20 -4.70 48.86
CA GLN B 311 14.65 -5.96 49.41
C GLN B 311 15.32 -5.74 50.80
N SER B 312 16.05 -4.63 50.92
CA SER B 312 16.76 -4.32 52.18
C SER B 312 15.81 -4.24 53.40
N ASP B 313 14.75 -3.46 53.32
CA ASP B 313 13.89 -3.25 54.51
C ASP B 313 12.40 -3.38 54.26
N GLY B 314 12.02 -3.84 53.06
CA GLY B 314 10.62 -4.00 52.77
C GLY B 314 9.86 -2.69 52.62
N ALA B 315 10.57 -1.57 52.61
CA ALA B 315 9.86 -0.30 52.46
C ALA B 315 9.19 -0.27 51.07
N PRO B 316 7.98 0.28 50.97
CA PRO B 316 7.35 0.51 49.66
C PRO B 316 8.16 1.44 48.76
N VAL B 317 8.09 1.17 47.46
CA VAL B 317 8.76 1.98 46.47
C VAL B 317 7.58 2.41 45.63
N GLY B 318 7.13 3.64 45.83
CA GLY B 318 5.95 4.16 45.19
C GLY B 318 6.32 4.86 43.89
N MET B 319 5.33 5.34 43.16
CA MET B 319 5.53 5.88 41.80
C MET B 319 6.45 7.10 41.74
N ASP B 320 6.54 7.81 42.87
CA ASP B 320 7.42 8.95 42.99
C ASP B 320 8.88 8.54 42.78
N ASP B 321 9.20 7.27 42.97
CA ASP B 321 10.60 6.80 42.91
C ASP B 321 10.91 6.35 41.49
N ARG B 322 12.00 6.81 40.91
CA ARG B 322 12.33 6.41 39.53
C ARG B 322 12.37 4.88 39.30
N ARG B 323 12.60 4.12 40.36
CA ARG B 323 12.76 2.69 40.18
C ARG B 323 11.46 2.04 39.64
N THR B 324 10.36 2.77 39.72
CA THR B 324 9.07 2.30 39.21
C THR B 324 8.98 2.53 37.70
N ASN B 325 10.03 3.08 37.10
CA ASN B 325 10.15 3.18 35.64
C ASN B 325 11.57 2.77 35.23
N HIS B 326 11.75 1.50 34.96
CA HIS B 326 13.07 0.92 34.95
C HIS B 326 13.07 -0.32 34.06
N PHE B 327 14.06 -0.38 33.16
CA PHE B 327 14.37 -1.60 32.43
C PHE B 327 15.60 -2.22 33.09
N PHE B 328 15.47 -3.49 33.48
CA PHE B 328 16.56 -4.27 34.07
C PHE B 328 17.60 -4.61 33.07
N TRP B 329 17.16 -4.73 31.82
CA TRP B 329 18.07 -4.83 30.71
C TRP B 329 19.10 -5.96 30.95
N ALA B 330 18.60 -7.09 31.45
CA ALA B 330 19.44 -8.18 31.93
C ALA B 330 18.81 -9.53 31.57
N ASN B 331 19.62 -10.54 31.35
CA ASN B 331 19.08 -11.86 31.05
C ASN B 331 18.57 -12.52 32.34
N VAL B 332 17.90 -13.66 32.22
CA VAL B 332 17.25 -14.28 33.38
C VAL B 332 18.23 -14.63 34.54
N PHE B 333 19.45 -14.97 34.16
CA PHE B 333 20.51 -15.29 35.11
C PHE B 333 21.18 -14.09 35.73
N ASP B 334 20.92 -12.90 35.19
CA ASP B 334 21.45 -11.68 35.77
C ASP B 334 20.34 -10.87 36.43
N TYR B 335 19.09 -11.28 36.18
CA TYR B 335 17.97 -10.51 36.65
C TYR B 335 17.97 -10.29 38.16
N ALA B 336 18.10 -11.37 38.93
CA ALA B 336 18.13 -11.27 40.40
C ALA B 336 19.18 -10.24 40.84
N GLU B 337 20.37 -10.31 40.24
CA GLU B 337 21.41 -9.30 40.57
C GLU B 337 20.98 -7.87 40.16
N ALA B 338 20.41 -7.73 38.97
CA ALA B 338 19.91 -6.41 38.54
C ALA B 338 18.87 -5.87 39.53
N ALA B 339 17.93 -6.72 39.95
CA ALA B 339 16.87 -6.31 40.89
C ALA B 339 17.44 -5.98 42.27
N LYS B 340 18.45 -6.76 42.68
CA LYS B 340 19.18 -6.50 43.95
C LYS B 340 19.90 -5.15 43.89
N GLU B 341 20.42 -4.79 42.71
CA GLU B 341 21.13 -3.53 42.49
C GLU B 341 20.28 -2.31 42.76
N ILE B 342 18.99 -2.39 42.45
CA ILE B 342 18.10 -1.26 42.71
C ILE B 342 17.23 -1.58 43.92
N ASP B 343 17.63 -2.61 44.66
CA ASP B 343 17.06 -2.93 45.97
C ASP B 343 15.56 -3.07 45.88
N PHE B 344 15.12 -3.98 45.01
CA PHE B 344 13.73 -3.91 44.60
C PHE B 344 13.11 -5.29 44.42
N PHE B 345 11.88 -5.44 44.88
CA PHE B 345 11.10 -6.63 44.53
C PHE B 345 9.69 -6.19 44.33
N ASP B 346 8.88 -7.04 43.70
CA ASP B 346 7.60 -6.59 43.24
C ASP B 346 6.49 -6.79 44.25
N PHE B 347 6.49 -7.96 44.86
CA PHE B 347 5.38 -8.33 45.71
C PHE B 347 5.75 -9.48 46.59
N THR B 348 4.94 -9.67 47.62
CA THR B 348 5.18 -10.72 48.58
C THR B 348 4.12 -11.72 48.28
N HIS B 349 4.53 -12.96 48.03
CA HIS B 349 3.58 -13.97 47.71
C HIS B 349 2.62 -14.14 48.85
N VAL B 350 1.33 -14.17 48.50
CA VAL B 350 0.27 -14.14 49.48
C VAL B 350 0.24 -15.38 50.36
N THR B 351 0.70 -16.51 49.85
CA THR B 351 0.66 -17.76 50.55
C THR B 351 1.98 -18.02 51.31
N THR B 352 3.08 -17.92 50.60
CA THR B 352 4.37 -18.28 51.14
C THR B 352 5.09 -17.15 51.88
N GLY B 353 4.67 -15.90 51.67
CA GLY B 353 5.34 -14.80 52.30
C GLY B 353 6.67 -14.46 51.66
N ALA B 354 6.96 -15.05 50.52
CA ALA B 354 8.23 -14.73 49.87
C ALA B 354 8.13 -13.43 49.05
N PRO B 355 9.14 -12.56 49.22
CA PRO B 355 9.31 -11.48 48.30
C PRO B 355 9.61 -12.11 46.92
N LEU B 356 8.95 -11.60 45.90
CA LEU B 356 9.06 -12.14 44.55
C LEU B 356 9.25 -11.02 43.53
N PRO B 357 9.95 -11.31 42.43
CA PRO B 357 9.88 -10.44 41.26
C PRO B 357 8.63 -10.75 40.45
N LYS B 358 8.16 -9.79 39.67
CA LYS B 358 7.06 -10.03 38.77
C LYS B 358 7.62 -9.85 37.34
N LEU B 359 7.52 -10.90 36.51
CA LEU B 359 8.21 -10.92 35.22
C LEU B 359 7.22 -10.65 34.08
N GLN B 360 7.63 -9.80 33.13
CA GLN B 360 6.79 -9.42 32.01
C GLN B 360 7.64 -9.59 30.76
N HIS B 361 7.10 -10.31 29.81
CA HIS B 361 7.63 -10.47 28.46
C HIS B 361 9.08 -10.00 28.20
N PRO B 362 10.07 -10.78 28.66
CA PRO B 362 11.45 -10.41 28.45
C PRO B 362 11.97 -10.91 27.11
N GLU B 363 11.31 -10.49 26.00
CA GLU B 363 11.65 -11.10 24.73
C GLU B 363 13.05 -10.73 24.30
N LEU B 364 13.41 -9.47 24.44
CA LEU B 364 14.71 -9.02 24.01
C LEU B 364 15.80 -9.68 24.85
N GLU B 365 15.64 -9.65 26.15
CA GLU B 365 16.68 -10.16 27.04
C GLU B 365 16.84 -11.65 26.96
N THR B 366 15.80 -12.32 26.48
CA THR B 366 15.86 -13.73 26.20
C THR B 366 16.53 -13.94 24.84
N PHE B 367 16.23 -13.08 23.88
CA PHE B 367 16.71 -13.23 22.53
C PHE B 367 18.22 -13.02 22.52
N TRP B 368 18.72 -12.16 23.42
CA TRP B 368 20.18 -11.96 23.51
C TRP B 368 20.93 -13.26 23.65
N GLY B 369 22.02 -13.41 22.90
CA GLY B 369 22.87 -14.60 23.01
C GLY B 369 22.36 -15.82 22.29
N SER B 370 21.12 -15.79 21.83
CA SER B 370 20.59 -16.91 21.08
C SER B 370 21.32 -17.01 19.73
N THR B 371 21.29 -18.18 19.11
CA THR B 371 21.98 -18.33 17.80
C THR B 371 21.54 -17.25 16.80
N HIS B 372 20.23 -17.00 16.76
CA HIS B 372 19.74 -16.01 15.82
C HIS B 372 20.31 -14.62 16.11
N GLU B 373 20.28 -14.16 17.37
CA GLU B 373 20.79 -12.83 17.69
C GLU B 373 22.31 -12.77 17.43
N ARG B 374 22.98 -13.87 17.72
CA ARG B 374 24.45 -13.96 17.52
C ARG B 374 24.78 -13.78 16.05
N ASN B 375 23.84 -14.16 15.21
CA ASN B 375 24.04 -14.03 13.79
C ASN B 375 23.49 -12.77 13.17
N GLY B 376 23.08 -11.81 14.00
CA GLY B 376 22.64 -10.55 13.42
C GLY B 376 21.15 -10.46 13.07
N VAL B 377 20.35 -11.48 13.40
CA VAL B 377 18.90 -11.48 13.16
C VAL B 377 18.22 -10.56 14.20
N THR B 378 17.20 -9.86 13.78
CA THR B 378 16.51 -8.92 14.63
C THR B 378 15.04 -9.33 14.69
N CYS B 379 14.32 -8.77 15.64
CA CYS B 379 12.91 -9.14 15.78
C CYS B 379 12.17 -9.04 14.48
N ALA B 380 12.37 -7.95 13.73
CA ALA B 380 11.60 -7.70 12.53
C ALA B 380 11.82 -8.70 11.44
N ASP B 381 13.03 -9.27 11.39
CA ASP B 381 13.34 -10.33 10.44
C ASP B 381 12.35 -11.48 10.50
N CYS B 382 11.88 -11.84 11.70
CA CYS B 382 10.98 -12.96 11.83
C CYS B 382 9.53 -12.55 12.00
N HIS B 383 9.31 -11.32 12.43
CA HIS B 383 7.96 -10.93 12.83
C HIS B 383 7.48 -9.79 11.99
N MET B 384 8.39 -9.08 11.35
CA MET B 384 7.94 -7.90 10.60
C MET B 384 8.80 -7.64 9.34
N PRO B 385 8.88 -8.64 8.43
CA PRO B 385 9.71 -8.56 7.24
C PRO B 385 9.04 -7.71 6.16
N ARG B 386 9.74 -7.52 5.05
CA ARG B 386 9.15 -6.77 3.92
C ARG B 386 8.07 -7.65 3.28
N VAL B 387 7.03 -7.04 2.69
CA VAL B 387 6.08 -7.82 1.90
C VAL B 387 6.79 -8.34 0.64
N LYS B 388 6.21 -9.34 0.01
CA LYS B 388 6.84 -9.86 -1.19
C LYS B 388 5.91 -9.60 -2.36
N LEU B 389 6.42 -8.92 -3.38
CA LEU B 389 5.57 -8.53 -4.53
C LEU B 389 6.26 -8.85 -5.85
N GLU B 390 5.53 -9.47 -6.75
CA GLU B 390 6.06 -9.71 -8.10
C GLU B 390 6.35 -8.39 -8.81
N ASN B 391 5.56 -7.36 -8.56
CA ASN B 391 5.73 -6.09 -9.30
C ASN B 391 5.29 -4.94 -8.44
N GLY B 392 6.07 -4.70 -7.39
CA GLY B 392 5.69 -3.66 -6.47
C GLY B 392 6.89 -3.21 -5.70
N LYS B 393 6.81 -2.00 -5.15
CA LYS B 393 7.81 -1.57 -4.18
C LYS B 393 7.57 -2.34 -2.87
N GLU B 394 8.55 -3.10 -2.44
CA GLU B 394 8.34 -4.02 -1.35
C GLU B 394 8.56 -3.43 0.04
N TYR B 395 7.52 -2.79 0.57
CA TYR B 395 7.62 -2.07 1.84
C TYR B 395 7.62 -3.08 2.99
N THR B 396 7.94 -2.58 4.18
CA THR B 396 8.06 -3.40 5.39
C THR B 396 6.68 -3.52 6.00
N MET B 397 6.32 -4.73 6.42
CA MET B 397 5.03 -4.80 7.10
C MET B 397 5.11 -4.10 8.46
N HIS B 398 3.98 -3.77 9.05
CA HIS B 398 4.04 -2.88 10.21
C HIS B 398 3.20 -3.32 11.38
N SER B 399 2.73 -4.56 11.29
CA SER B 399 2.00 -5.19 12.37
C SER B 399 2.68 -6.53 12.65
N PRO B 400 3.53 -6.57 13.65
CA PRO B 400 4.32 -7.77 13.87
C PRO B 400 3.50 -8.96 14.32
N ARG B 401 3.91 -10.13 13.86
CA ARG B 401 3.12 -11.32 14.10
C ARG B 401 4.00 -12.56 13.91
N THR B 402 3.44 -13.72 14.18
CA THR B 402 4.25 -14.92 14.12
C THR B 402 4.84 -15.18 12.72
N PRO B 403 6.07 -15.67 12.66
CA PRO B 403 6.60 -15.96 11.34
C PRO B 403 5.85 -17.10 10.66
N ARG B 404 5.02 -17.82 11.43
CA ARG B 404 4.18 -18.88 10.87
C ARG B 404 3.34 -18.42 9.73
N ASP B 405 3.02 -17.13 9.71
CA ASP B 405 2.13 -16.60 8.68
C ASP B 405 2.93 -16.20 7.46
N MET B 406 4.25 -16.22 7.55
CA MET B 406 5.08 -15.73 6.46
C MET B 406 6.41 -16.45 6.46
N MET B 407 6.33 -17.77 6.38
CA MET B 407 7.48 -18.62 6.62
C MET B 407 8.62 -18.44 5.60
N ASN B 408 8.28 -18.18 4.35
CA ASN B 408 9.31 -17.99 3.32
C ASN B 408 10.18 -16.79 3.60
N ARG B 409 9.54 -15.67 3.83
CA ARG B 409 10.28 -14.50 4.30
C ARG B 409 10.95 -14.73 5.64
N ALA B 410 10.20 -15.22 6.62
CA ALA B 410 10.71 -15.20 7.99
C ALA B 410 11.79 -16.24 8.26
N CYS B 411 11.70 -17.40 7.62
CA CYS B 411 12.61 -18.48 7.92
C CYS B 411 13.31 -19.01 6.70
N LEU B 412 12.53 -19.27 5.65
CA LEU B 412 13.03 -20.12 4.57
C LEU B 412 14.01 -19.39 3.66
N ASN B 413 13.94 -18.06 3.66
CA ASN B 413 14.88 -17.26 2.90
C ASN B 413 16.29 -17.57 3.43
N CYS B 414 16.44 -17.61 4.75
CA CYS B 414 17.71 -18.04 5.37
C CYS B 414 17.91 -19.57 5.39
N HIS B 415 16.85 -20.32 5.70
CA HIS B 415 16.98 -21.77 5.83
C HIS B 415 16.50 -22.42 4.53
N ASP B 416 17.23 -22.20 3.44
CA ASP B 416 16.71 -22.52 2.10
C ASP B 416 16.56 -24.03 1.80
N GLY B 417 17.13 -24.88 2.63
CA GLY B 417 16.97 -26.34 2.41
C GLY B 417 15.72 -26.95 3.04
N TRP B 418 15.10 -26.20 3.95
CA TRP B 418 13.93 -26.62 4.66
C TRP B 418 12.65 -26.30 3.88
N THR B 419 11.64 -27.16 4.01
CA THR B 419 10.27 -26.77 3.65
C THR B 419 9.60 -25.98 4.79
N GLU B 420 8.45 -25.42 4.47
CA GLU B 420 7.66 -24.71 5.46
C GLU B 420 7.22 -25.65 6.60
N ALA B 421 6.75 -26.86 6.27
CA ALA B 421 6.43 -27.83 7.32
C ALA B 421 7.62 -28.09 8.27
N GLU B 422 8.82 -28.25 7.71
CA GLU B 422 10.03 -28.53 8.53
C GLU B 422 10.37 -27.38 9.44
N ALA B 423 10.26 -26.16 8.91
CA ALA B 423 10.59 -24.99 9.69
C ALA B 423 9.56 -24.91 10.80
N GLU B 424 8.29 -25.12 10.49
CA GLU B 424 7.29 -25.04 11.55
C GLU B 424 7.49 -26.14 12.61
N TYR B 425 7.89 -27.30 12.14
CA TYR B 425 8.17 -28.41 13.00
C TYR B 425 9.30 -28.10 13.96
N ALA B 426 10.35 -27.41 13.47
CA ALA B 426 11.43 -27.05 14.33
C ALA B 426 10.94 -26.07 15.41
N ILE B 427 10.04 -25.17 15.01
CA ILE B 427 9.44 -24.28 15.98
C ILE B 427 8.70 -25.08 17.05
N ASP B 428 7.83 -25.98 16.62
CA ASP B 428 6.98 -26.70 17.55
C ASP B 428 7.77 -27.65 18.44
N TYR B 429 8.83 -28.23 17.93
CA TYR B 429 9.67 -29.10 18.76
C TYR B 429 10.21 -28.29 19.96
N ILE B 430 10.72 -27.09 19.72
CA ILE B 430 11.22 -26.27 20.79
C ILE B 430 10.11 -25.81 21.72
N LYS B 431 9.00 -25.35 21.16
CA LYS B 431 7.89 -24.83 21.96
C LYS B 431 7.31 -25.94 22.83
N ASN B 432 7.11 -27.09 22.22
CA ASN B 432 6.59 -28.24 22.95
C ASN B 432 7.51 -28.60 24.09
N TYR B 433 8.80 -28.76 23.78
CA TYR B 433 9.78 -29.10 24.82
C TYR B 433 9.73 -28.11 25.97
N THR B 434 9.86 -26.83 25.65
CA THR B 434 9.82 -25.78 26.66
C THR B 434 8.53 -25.77 27.46
N HIS B 435 7.41 -25.90 26.77
CA HIS B 435 6.12 -25.86 27.44
C HIS B 435 6.05 -27.01 28.43
N GLY B 436 6.62 -28.16 28.08
CA GLY B 436 6.61 -29.26 28.99
C GLY B 436 7.39 -28.95 30.27
N LYS B 437 8.52 -28.26 30.14
CA LYS B 437 9.30 -27.84 31.33
C LYS B 437 8.59 -26.75 32.12
N ILE B 438 7.89 -25.85 31.42
CA ILE B 438 7.01 -24.90 32.12
C ILE B 438 5.95 -25.62 32.96
N MET B 439 5.35 -26.66 32.42
CA MET B 439 4.33 -27.41 33.15
C MET B 439 4.96 -28.08 34.38
N LYS B 440 6.14 -28.63 34.22
CA LYS B 440 6.85 -29.21 35.38
C LYS B 440 7.30 -28.16 36.42
N ALA B 441 7.72 -27.00 35.95
CA ALA B 441 8.11 -25.95 36.87
C ALA B 441 6.89 -25.46 37.66
N GLU B 442 5.73 -25.39 36.98
CA GLU B 442 4.48 -25.05 37.65
C GLU B 442 4.06 -26.14 38.61
N PHE B 443 4.16 -27.39 38.19
CA PHE B 443 3.77 -28.47 39.07
C PHE B 443 4.56 -28.36 40.37
N TRP B 444 5.88 -28.24 40.27
CA TRP B 444 6.74 -28.22 41.43
C TRP B 444 6.59 -26.98 42.28
N LEU B 445 6.46 -25.84 41.61
CA LEU B 445 6.32 -24.58 42.34
C LEU B 445 4.97 -24.58 43.05
N ALA B 446 3.90 -24.95 42.34
CA ALA B 446 2.61 -25.09 42.98
C ALA B 446 2.69 -26.07 44.16
N ARG B 447 3.38 -27.21 44.00
CA ARG B 447 3.52 -28.15 45.13
C ARG B 447 4.14 -27.42 46.33
N MET B 448 5.20 -26.66 46.05
CA MET B 448 5.95 -25.99 47.11
C MET B 448 5.07 -24.98 47.79
N ILE B 449 4.40 -24.17 46.97
CA ILE B 449 3.50 -23.15 47.50
C ILE B 449 2.39 -23.78 48.35
N ASP B 450 1.77 -24.86 47.85
CA ASP B 450 0.71 -25.58 48.57
C ASP B 450 1.19 -26.17 49.90
N LEU B 451 2.48 -26.47 49.97
CA LEU B 451 3.02 -27.02 51.20
C LEU B 451 3.26 -25.97 52.26
N PHE B 452 3.33 -24.71 51.86
CA PHE B 452 3.56 -23.63 52.84
C PHE B 452 2.58 -23.56 54.00
N PRO B 453 1.27 -23.46 53.72
CA PRO B 453 0.26 -23.43 54.79
C PRO B 453 0.28 -24.69 55.65
N VAL B 454 0.62 -25.84 55.06
CA VAL B 454 0.75 -27.07 55.82
C VAL B 454 1.91 -26.92 56.82
N ALA B 455 3.05 -26.41 56.32
CA ALA B 455 4.21 -26.18 57.15
C ALA B 455 3.89 -25.20 58.27
N LYS B 456 3.25 -24.08 57.93
CA LYS B 456 3.04 -23.00 58.91
C LYS B 456 2.08 -23.50 59.97
N ARG B 457 1.07 -24.22 59.50
CA ARG B 457 0.09 -24.78 60.38
C ARG B 457 0.60 -25.93 61.25
N ALA B 458 1.65 -26.62 60.79
CA ALA B 458 2.27 -27.66 61.62
C ALA B 458 3.31 -27.08 62.60
N GLY B 459 3.52 -25.76 62.56
CA GLY B 459 4.46 -25.07 63.43
C GLY B 459 5.92 -25.12 62.96
N VAL B 460 6.14 -25.30 61.66
CA VAL B 460 7.50 -25.18 61.12
C VAL B 460 8.06 -23.79 61.45
N SER B 461 9.35 -23.73 61.69
CA SER B 461 10.01 -22.53 62.22
C SER B 461 10.22 -21.49 61.15
N GLU B 462 10.25 -20.22 61.53
CA GLU B 462 10.60 -19.16 60.61
C GLU B 462 11.88 -19.42 59.85
N ASP B 463 12.90 -19.96 60.51
CA ASP B 463 14.14 -20.22 59.82
C ASP B 463 13.91 -21.07 58.56
N VAL B 464 13.16 -22.17 58.72
CA VAL B 464 12.87 -23.06 57.62
C VAL B 464 12.01 -22.38 56.56
N LEU B 465 10.96 -21.66 56.98
CA LEU B 465 10.11 -20.97 56.01
C LEU B 465 10.90 -19.92 55.25
N ASN B 466 11.85 -19.29 55.96
CA ASN B 466 12.65 -18.25 55.37
C ASN B 466 13.61 -18.79 54.33
N GLU B 467 14.14 -20.00 54.56
CA GLU B 467 14.97 -20.67 53.56
C GLU B 467 14.18 -20.96 52.29
N VAL B 468 12.97 -21.47 52.47
CA VAL B 468 12.11 -21.78 51.34
C VAL B 468 11.69 -20.51 50.61
N ARG B 469 11.41 -19.45 51.35
CA ARG B 469 11.10 -18.15 50.77
C ARG B 469 12.21 -17.64 49.88
N ALA B 470 13.43 -17.89 50.32
CA ALA B 470 14.59 -17.53 49.50
C ALA B 470 14.59 -18.36 48.21
N LEU B 471 14.33 -19.66 48.34
CA LEU B 471 14.28 -20.54 47.15
C LEU B 471 13.14 -20.13 46.23
N HIS B 472 12.04 -19.72 46.85
CA HIS B 472 10.85 -19.32 46.11
C HIS B 472 11.21 -18.16 45.18
N TYR B 473 12.08 -17.26 45.61
CA TYR B 473 12.45 -16.16 44.72
C TYR B 473 13.02 -16.70 43.41
N ASP B 474 13.95 -17.65 43.51
CA ASP B 474 14.60 -18.14 42.30
C ASP B 474 13.74 -19.15 41.51
N ALA B 475 13.01 -20.01 42.22
CA ALA B 475 12.02 -20.88 41.60
C ALA B 475 11.01 -20.05 40.77
N HIS B 476 10.50 -18.96 41.34
CA HIS B 476 9.50 -18.13 40.67
C HIS B 476 10.13 -17.44 39.46
N LEU B 477 11.25 -16.75 39.69
CA LEU B 477 11.88 -16.00 38.62
C LEU B 477 12.13 -16.94 37.42
N HIS B 478 12.59 -18.15 37.71
CA HIS B 478 13.05 -19.06 36.66
C HIS B 478 11.94 -19.89 36.04
N TRP B 479 10.74 -19.75 36.61
CA TRP B 479 9.54 -20.21 35.94
C TRP B 479 8.88 -19.02 35.17
N GLU B 480 8.58 -17.95 35.89
CA GLU B 480 7.72 -16.92 35.33
C GLU B 480 8.36 -16.24 34.16
N TRP B 481 9.68 -16.17 34.11
CA TRP B 481 10.37 -15.61 32.95
C TRP B 481 9.74 -16.23 31.71
N TRP B 482 9.41 -17.52 31.80
CA TRP B 482 9.04 -18.31 30.60
C TRP B 482 7.58 -18.29 30.24
N THR B 483 6.69 -18.10 31.22
CA THR B 483 5.30 -17.83 30.88
C THR B 483 5.14 -16.37 30.52
N ALA B 484 6.02 -15.51 31.05
CA ALA B 484 6.00 -14.09 30.70
C ALA B 484 6.43 -13.91 29.28
N GLU B 485 7.51 -14.57 28.91
CA GLU B 485 8.11 -14.43 27.61
C GLU B 485 7.28 -15.22 26.63
N ASN B 486 7.04 -14.65 25.46
CA ASN B 486 5.93 -15.20 24.66
C ASN B 486 6.31 -16.17 23.58
N SER B 487 7.59 -16.46 23.40
CA SER B 487 8.02 -17.39 22.36
C SER B 487 8.02 -18.85 22.80
N VAL B 488 7.62 -19.10 24.02
CA VAL B 488 7.62 -20.44 24.62
C VAL B 488 8.95 -21.08 24.33
N GLY B 489 10.01 -20.35 24.60
CA GLY B 489 11.37 -20.90 24.48
C GLY B 489 12.02 -20.67 23.13
N PHE B 490 11.22 -20.39 22.09
CA PHE B 490 11.81 -20.34 20.75
C PHE B 490 12.97 -19.35 20.65
N HIS B 491 12.82 -18.20 21.30
CA HIS B 491 13.83 -17.17 21.23
C HIS B 491 15.17 -17.56 21.81
N ASN B 492 15.21 -18.54 22.73
CA ASN B 492 16.48 -18.99 23.28
C ASN B 492 16.28 -20.34 23.98
N PRO B 493 16.27 -21.43 23.22
CA PRO B 493 15.82 -22.70 23.81
C PRO B 493 16.75 -23.25 24.87
N ASP B 494 18.08 -23.11 24.69
CA ASP B 494 19.06 -23.59 25.66
C ASP B 494 18.87 -22.85 27.00
N GLN B 495 18.66 -21.54 26.88
CA GLN B 495 18.41 -20.72 28.06
C GLN B 495 17.10 -21.06 28.76
N ALA B 496 16.00 -21.16 28.00
CA ALA B 496 14.73 -21.58 28.59
C ALA B 496 14.92 -22.91 29.32
N ARG B 497 15.63 -23.81 28.67
CA ARG B 497 15.86 -25.15 29.22
C ARG B 497 16.64 -25.08 30.55
N GLU B 498 17.78 -24.36 30.56
CA GLU B 498 18.62 -24.26 31.77
C GLU B 498 17.86 -23.61 32.92
N SER B 499 17.18 -22.52 32.59
CA SER B 499 16.45 -21.73 33.55
C SER B 499 15.28 -22.52 34.13
N LEU B 500 14.46 -23.12 33.28
CA LEU B 500 13.33 -23.86 33.80
C LEU B 500 13.81 -25.06 34.66
N MET B 501 14.88 -25.73 34.27
CA MET B 501 15.42 -26.82 35.07
C MET B 501 15.92 -26.29 36.41
N LYS B 502 16.36 -25.05 36.41
CA LYS B 502 16.79 -24.41 37.63
C LYS B 502 15.58 -24.13 38.54
N SER B 503 14.52 -23.57 37.97
CA SER B 503 13.29 -23.35 38.69
C SER B 503 12.83 -24.66 39.32
N ILE B 504 12.76 -25.71 38.52
CA ILE B 504 12.29 -27.00 39.02
C ILE B 504 13.17 -27.51 40.17
N THR B 505 14.50 -27.39 39.99
CA THR B 505 15.49 -27.77 41.02
C THR B 505 15.23 -27.02 42.32
N LYS B 506 15.08 -25.69 42.21
CA LYS B 506 14.80 -24.88 43.39
C LYS B 506 13.53 -25.33 44.05
N SER B 507 12.48 -25.54 43.25
CA SER B 507 11.17 -25.90 43.80
C SER B 507 11.21 -27.26 44.48
N LYS B 508 11.84 -28.24 43.84
CA LYS B 508 11.97 -29.54 44.45
C LYS B 508 12.68 -29.41 45.81
N GLU B 509 13.69 -28.54 45.86
CA GLU B 509 14.47 -28.35 47.06
C GLU B 509 13.54 -27.85 48.18
N GLY B 510 12.71 -26.86 47.85
CA GLY B 510 11.81 -26.23 48.81
C GLY B 510 10.79 -27.25 49.26
N VAL B 511 10.25 -28.00 48.30
CA VAL B 511 9.35 -29.07 48.68
C VAL B 511 10.00 -30.05 49.70
N GLY B 512 11.22 -30.51 49.42
CA GLY B 512 11.91 -31.43 50.32
C GLY B 512 12.15 -30.84 51.72
N LYS B 513 12.53 -29.55 51.74
CA LYS B 513 12.78 -28.82 52.95
C LYS B 513 11.48 -28.65 53.72
N LEU B 514 10.38 -28.33 53.03
CA LEU B 514 9.08 -28.22 53.70
C LEU B 514 8.60 -29.54 54.26
N ASP B 515 8.70 -30.58 53.44
CA ASP B 515 8.28 -31.90 53.81
C ASP B 515 9.01 -32.42 55.05
N ALA B 516 10.32 -32.31 55.04
CA ALA B 516 11.18 -32.70 56.15
C ALA B 516 10.77 -31.94 57.43
N ALA B 517 10.52 -30.64 57.28
CA ALA B 517 10.20 -29.80 58.41
C ALA B 517 8.82 -30.16 58.96
N ILE B 518 7.86 -30.40 58.07
CA ILE B 518 6.53 -30.77 58.49
C ILE B 518 6.58 -32.11 59.21
N ASP B 519 7.32 -33.08 58.67
CA ASP B 519 7.38 -34.42 59.26
C ASP B 519 7.99 -34.39 60.66
N ALA B 520 9.06 -33.60 60.80
CA ALA B 520 9.71 -33.32 62.06
C ALA B 520 8.76 -32.60 63.01
N ALA B 521 8.09 -31.54 62.54
CA ALA B 521 7.18 -30.76 63.38
C ALA B 521 6.06 -31.64 63.91
N VAL B 522 5.61 -32.55 63.05
CA VAL B 522 4.53 -33.48 63.36
C VAL B 522 4.98 -34.64 64.28
N ALA B 523 6.22 -35.06 64.14
CA ALA B 523 6.75 -36.14 64.97
C ALA B 523 6.84 -35.75 66.46
N ALA B 524 6.19 -34.66 66.86
#